data_2R86
#
_entry.id   2R86
#
_cell.length_a   122.477
_cell.length_b   122.477
_cell.length_c   560.925
_cell.angle_alpha   90.000
_cell.angle_beta   90.000
_cell.angle_gamma   120.000
#
_symmetry.space_group_name_H-M   'H 3 2'
#
loop_
_entity.id
_entity.type
_entity.pdbx_description
1 polymer 'PurP protein PF1517'
2 non-polymer 'PHOSPHATE ION'
3 non-polymer 'SODIUM ION'
4 non-polymer "ADENOSINE-5'-TRIPHOSPHATE"
5 non-polymer (4S)-2-METHYL-2,4-PENTANEDIOL
6 water water
#
_entity_poly.entity_id   1
_entity_poly.type   'polypeptide(L)'
_entity_poly.pdbx_seq_one_letter_code
;MKVRIATYASHSALQILKGAKDEGFETIAFGSSKVKPLYTKYFPVADYFIEEKYPEEELLNLNAVVVPTGSFVAHLGIEL
VENMKVPYFGNKRVLRWESDRNLERKWLKKAGIRVPEVYEDPDDIEKPVIVKPHGAKGGKGYFLAKDPEDFWRKAEKFLG
IKRKEDLKNIQIQEYVLGVPVYPHYFYSKVREELELMSIDRRYESNVDAIGRIPAKDQLEFDMDITYTVIGNIPIVLRES
LLMDVIEAGERVVKAAEELMGGLWGPFCLEGVFTPDLEFVVFEISARIVAGTNIFVNGSPYTWLRYDRPVSTGRRIAMEI
REAIENDMLEKVLT
;
_entity_poly.pdbx_strand_id   A,B
#
loop_
_chem_comp.id
_chem_comp.type
_chem_comp.name
_chem_comp.formula
ATP non-polymer ADENOSINE-5'-TRIPHOSPHATE 'C10 H16 N5 O13 P3'
MPD non-polymer (4S)-2-METHYL-2,4-PENTANEDIOL 'C6 H14 O2'
NA non-polymer 'SODIUM ION' 'Na 1'
PO4 non-polymer 'PHOSPHATE ION' 'O4 P -3'
#
# COMPACT_ATOMS: atom_id res chain seq x y z
N MET A 1 0.80 -5.83 6.15
CA MET A 1 -0.34 -6.23 5.28
C MET A 1 -1.04 -7.45 5.86
N LYS A 2 -2.34 -7.60 5.61
CA LYS A 2 -3.06 -8.74 6.15
C LYS A 2 -2.62 -10.02 5.46
N VAL A 3 -2.99 -10.16 4.19
CA VAL A 3 -2.62 -11.34 3.42
C VAL A 3 -1.12 -11.42 3.14
N ARG A 4 -0.63 -12.65 3.02
CA ARG A 4 0.68 -12.92 2.47
C ARG A 4 0.51 -13.38 1.03
N ILE A 5 1.53 -13.17 0.20
CA ILE A 5 1.45 -13.61 -1.19
C ILE A 5 2.26 -14.89 -1.37
N ALA A 6 1.60 -15.90 -1.91
CA ALA A 6 2.18 -17.21 -2.07
C ALA A 6 2.12 -17.67 -3.53
N THR A 7 3.11 -18.47 -3.93
CA THR A 7 3.13 -19.02 -5.27
C THR A 7 3.95 -20.32 -5.34
N TYR A 8 3.64 -21.14 -6.35
CA TYR A 8 4.37 -22.37 -6.60
C TYR A 8 5.80 -22.06 -7.07
N ALA A 9 6.77 -22.81 -6.57
CA ALA A 9 8.18 -22.51 -6.82
C ALA A 9 8.66 -22.93 -8.21
N SER A 10 8.17 -22.22 -9.22
CA SER A 10 8.60 -22.42 -10.59
C SER A 10 8.06 -21.32 -11.49
N HIS A 11 8.54 -21.29 -12.72
CA HIS A 11 7.95 -20.50 -13.81
C HIS A 11 8.23 -19.00 -13.78
N SER A 12 7.77 -18.34 -12.72
CA SER A 12 7.94 -16.90 -12.56
C SER A 12 7.83 -16.47 -11.10
N ALA A 13 8.14 -17.39 -10.19
CA ALA A 13 7.99 -17.16 -8.74
C ALA A 13 8.96 -16.12 -8.23
N LEU A 14 10.18 -16.12 -8.79
CA LEU A 14 11.15 -15.07 -8.47
C LEU A 14 10.54 -13.70 -8.72
N GLN A 15 10.04 -13.48 -9.93
CA GLN A 15 9.46 -12.20 -10.33
C GLN A 15 8.27 -11.83 -9.44
N ILE A 16 7.39 -12.80 -9.21
CA ILE A 16 6.17 -12.59 -8.43
C ILE A 16 6.48 -12.24 -6.98
N LEU A 17 7.37 -13.01 -6.35
CA LEU A 17 7.69 -12.77 -4.95
C LEU A 17 8.48 -11.49 -4.72
N LYS A 18 9.40 -11.17 -5.64
CA LYS A 18 10.09 -9.88 -5.61
C LYS A 18 9.09 -8.73 -5.70
N GLY A 19 8.17 -8.82 -6.65
CA GLY A 19 7.12 -7.82 -6.81
C GLY A 19 6.29 -7.67 -5.55
N ALA A 20 5.96 -8.81 -4.94
CA ALA A 20 5.25 -8.85 -3.65
C ALA A 20 6.03 -8.14 -2.53
N LYS A 21 7.32 -8.42 -2.42
CA LYS A 21 8.20 -7.73 -1.45
C LYS A 21 8.25 -6.22 -1.66
N ASP A 22 8.41 -5.81 -2.93
CA ASP A 22 8.47 -4.38 -3.29
C ASP A 22 7.20 -3.61 -2.91
N GLU A 23 6.09 -4.33 -2.75
CA GLU A 23 4.82 -3.69 -2.39
C GLU A 23 4.43 -3.89 -0.92
N GLY A 24 5.36 -4.43 -0.12
CA GLY A 24 5.21 -4.54 1.33
C GLY A 24 4.58 -5.82 1.86
N PHE A 25 4.49 -6.86 1.02
CA PHE A 25 3.91 -8.15 1.41
C PHE A 25 4.98 -9.11 1.91
N GLU A 26 4.61 -9.98 2.85
CA GLU A 26 5.45 -11.14 3.18
C GLU A 26 5.16 -12.26 2.19
N THR A 27 6.17 -13.07 1.90
CA THR A 27 6.12 -13.97 0.75
C THR A 27 6.31 -15.43 1.10
N ILE A 28 5.58 -16.28 0.38
CA ILE A 28 5.68 -17.73 0.53
C ILE A 28 5.91 -18.39 -0.82
N ALA A 29 6.98 -19.18 -0.91
CA ALA A 29 7.18 -20.08 -2.02
C ALA A 29 6.94 -21.52 -1.56
N PHE A 30 6.20 -22.30 -2.36
CA PHE A 30 6.04 -23.72 -2.07
C PHE A 30 6.33 -24.60 -3.28
N GLY A 31 7.07 -25.67 -3.04
CA GLY A 31 7.33 -26.64 -4.08
C GLY A 31 8.45 -27.59 -3.73
N SER A 32 9.25 -27.92 -4.73
CA SER A 32 10.30 -28.90 -4.59
C SER A 32 11.41 -28.42 -3.67
N SER A 33 11.93 -29.32 -2.86
CA SER A 33 12.92 -28.98 -1.85
C SER A 33 14.28 -28.65 -2.46
N LYS A 34 14.53 -29.14 -3.67
CA LYS A 34 15.83 -28.92 -4.29
C LYS A 34 15.98 -27.53 -4.94
N VAL A 35 14.88 -26.82 -5.12
CA VAL A 35 14.93 -25.45 -5.66
C VAL A 35 14.81 -24.39 -4.55
N LYS A 36 14.74 -24.84 -3.30
CA LYS A 36 14.70 -23.94 -2.15
C LYS A 36 15.84 -22.90 -2.13
N PRO A 37 17.10 -23.33 -2.39
CA PRO A 37 18.18 -22.35 -2.46
C PRO A 37 17.96 -21.21 -3.46
N LEU A 38 17.26 -21.48 -4.55
CA LEU A 38 17.00 -20.47 -5.57
C LEU A 38 16.23 -19.26 -5.01
N TYR A 39 15.22 -19.54 -4.18
CA TYR A 39 14.32 -18.51 -3.66
C TYR A 39 14.72 -17.96 -2.28
N THR A 40 15.69 -18.58 -1.63
CA THR A 40 16.07 -18.21 -0.26
C THR A 40 17.54 -17.81 -0.10
N LYS A 41 18.37 -18.21 -1.05
CA LYS A 41 19.81 -17.96 -0.99
C LYS A 41 20.30 -17.13 -2.18
N TYR A 42 20.14 -17.68 -3.38
CA TYR A 42 20.64 -17.03 -4.59
C TYR A 42 19.83 -15.79 -4.95
N PHE A 43 18.51 -15.89 -4.79
CA PHE A 43 17.62 -14.74 -4.96
C PHE A 43 16.64 -14.73 -3.78
N PRO A 44 17.03 -14.08 -2.66
CA PRO A 44 16.26 -14.16 -1.42
C PRO A 44 14.95 -13.38 -1.54
N VAL A 45 13.91 -14.03 -2.05
CA VAL A 45 12.62 -13.37 -2.29
C VAL A 45 11.49 -14.02 -1.51
N ALA A 46 11.75 -15.20 -0.96
CA ALA A 46 10.75 -15.92 -0.18
C ALA A 46 11.06 -15.86 1.32
N ASP A 47 10.15 -15.28 2.08
CA ASP A 47 10.26 -15.27 3.54
C ASP A 47 10.01 -16.66 4.12
N TYR A 48 9.11 -17.41 3.49
CA TYR A 48 8.82 -18.78 3.90
C TYR A 48 8.96 -19.71 2.70
N PHE A 49 9.61 -20.85 2.91
CA PHE A 49 9.63 -21.90 1.90
C PHE A 49 9.06 -23.22 2.44
N ILE A 50 7.92 -23.62 1.88
CA ILE A 50 7.29 -24.88 2.25
C ILE A 50 7.59 -25.97 1.22
N GLU A 51 8.21 -27.06 1.68
CA GLU A 51 8.67 -28.12 0.80
C GLU A 51 7.57 -29.15 0.47
N GLU A 52 6.46 -28.66 -0.08
CA GLU A 52 5.32 -29.48 -0.46
C GLU A 52 4.66 -28.89 -1.71
N LYS A 53 4.01 -29.77 -2.49
CA LYS A 53 3.39 -29.41 -3.76
C LYS A 53 2.23 -28.44 -3.58
N TYR A 54 1.36 -28.74 -2.62
CA TYR A 54 0.26 -27.85 -2.26
C TYR A 54 -0.08 -28.00 -0.78
N PRO A 55 0.63 -27.24 0.08
CA PRO A 55 0.38 -27.29 1.53
C PRO A 55 -0.79 -26.41 1.92
N GLU A 56 -2.00 -26.86 1.61
CA GLU A 56 -3.22 -26.08 1.82
C GLU A 56 -3.39 -25.54 3.24
N GLU A 57 -3.10 -26.38 4.22
CA GLU A 57 -3.33 -26.04 5.62
C GLU A 57 -2.38 -24.96 6.13
N GLU A 58 -1.09 -25.10 5.81
CA GLU A 58 -0.09 -24.10 6.17
C GLU A 58 -0.38 -22.75 5.52
N LEU A 59 -0.86 -22.77 4.27
CA LEU A 59 -1.18 -21.55 3.53
C LEU A 59 -2.38 -20.81 4.12
N LEU A 60 -3.41 -21.56 4.52
CA LEU A 60 -4.57 -20.97 5.19
C LEU A 60 -4.19 -20.36 6.53
N ASN A 61 -3.29 -21.03 7.25
CA ASN A 61 -2.78 -20.51 8.52
C ASN A 61 -1.91 -19.26 8.36
N LEU A 62 -1.25 -19.14 7.21
CA LEU A 62 -0.39 -17.98 6.95
C LEU A 62 -1.13 -16.85 6.24
N ASN A 63 -2.44 -16.99 6.10
CA ASN A 63 -3.29 -15.98 5.43
C ASN A 63 -2.83 -15.66 4.02
N ALA A 64 -2.41 -16.70 3.31
CA ALA A 64 -1.87 -16.59 1.96
C ALA A 64 -2.97 -16.43 0.91
N VAL A 65 -2.70 -15.60 -0.09
CA VAL A 65 -3.41 -15.70 -1.35
C VAL A 65 -2.42 -16.24 -2.37
N VAL A 66 -2.87 -17.17 -3.21
CA VAL A 66 -2.00 -17.74 -4.22
C VAL A 66 -2.08 -16.96 -5.52
N VAL A 67 -0.91 -16.55 -6.01
CA VAL A 67 -0.79 -15.97 -7.34
C VAL A 67 -0.43 -17.13 -8.26
N PRO A 68 -1.35 -17.49 -9.18
CA PRO A 68 -1.11 -18.61 -10.09
C PRO A 68 0.11 -18.38 -10.98
N THR A 69 1.14 -19.18 -10.72
CA THR A 69 2.28 -19.37 -11.60
C THR A 69 1.78 -19.94 -12.92
N GLY A 70 2.50 -19.65 -14.00
CA GLY A 70 2.17 -20.15 -15.33
C GLY A 70 2.09 -21.66 -15.49
N SER A 71 2.85 -22.39 -14.69
CA SER A 71 2.86 -23.86 -14.70
C SER A 71 2.23 -24.43 -13.42
N PHE A 72 1.46 -23.61 -12.73
CA PHE A 72 0.81 -23.99 -11.47
C PHE A 72 -0.21 -25.10 -11.75
N VAL A 73 -1.00 -24.91 -12.81
CA VAL A 73 -1.99 -25.89 -13.25
C VAL A 73 -1.35 -27.20 -13.71
N ALA A 74 -0.27 -27.10 -14.46
CA ALA A 74 0.42 -28.28 -15.00
C ALA A 74 1.02 -29.18 -13.94
N HIS A 75 1.48 -28.60 -12.83
CA HIS A 75 2.10 -29.36 -11.75
C HIS A 75 1.10 -29.90 -10.73
N LEU A 76 -0.08 -29.26 -10.64
CA LEU A 76 -1.08 -29.62 -9.65
C LEU A 76 -2.34 -30.26 -10.23
N GLY A 77 -2.65 -29.95 -11.48
CA GLY A 77 -3.86 -30.43 -12.12
C GLY A 77 -5.00 -29.44 -11.97
N ILE A 78 -5.85 -29.38 -12.98
CA ILE A 78 -6.96 -28.45 -13.03
C ILE A 78 -8.01 -28.68 -11.93
N GLU A 79 -8.29 -29.95 -11.62
CA GLU A 79 -9.28 -30.32 -10.61
C GLU A 79 -8.87 -29.88 -9.20
N LEU A 80 -7.61 -30.13 -8.85
CA LEU A 80 -7.05 -29.69 -7.57
C LEU A 80 -7.08 -28.17 -7.41
N VAL A 81 -6.72 -27.45 -8.46
CA VAL A 81 -6.72 -25.99 -8.45
C VAL A 81 -8.14 -25.46 -8.29
N GLU A 82 -9.08 -26.03 -9.05
CA GLU A 82 -10.50 -25.64 -8.97
C GLU A 82 -11.13 -25.80 -7.58
N ASN A 83 -10.63 -26.76 -6.81
CA ASN A 83 -11.17 -27.04 -5.48
C ASN A 83 -10.36 -26.46 -4.32
N MET A 84 -9.37 -25.64 -4.63
CA MET A 84 -8.55 -24.93 -3.63
C MET A 84 -9.39 -24.17 -2.62
N LYS A 85 -9.10 -24.38 -1.35
CA LYS A 85 -9.69 -23.57 -0.28
C LYS A 85 -8.89 -22.28 -0.10
N VAL A 86 -7.60 -22.33 -0.40
CA VAL A 86 -6.74 -21.14 -0.39
C VAL A 86 -7.16 -20.18 -1.52
N PRO A 87 -7.33 -18.89 -1.21
CA PRO A 87 -7.77 -17.92 -2.23
C PRO A 87 -6.77 -17.76 -3.37
N TYR A 88 -7.31 -17.60 -4.57
CA TYR A 88 -6.56 -17.67 -5.82
C TYR A 88 -6.75 -16.35 -6.54
N PHE A 89 -5.65 -15.68 -6.89
CA PHE A 89 -5.72 -14.40 -7.60
C PHE A 89 -6.12 -14.59 -9.06
N GLY A 90 -7.25 -14.01 -9.43
CA GLY A 90 -7.82 -14.24 -10.74
C GLY A 90 -9.04 -15.13 -10.66
N ASN A 91 -9.54 -15.53 -11.83
CA ASN A 91 -10.78 -16.29 -11.98
C ASN A 91 -10.46 -17.74 -12.34
N LYS A 92 -10.72 -18.64 -11.40
CA LYS A 92 -10.45 -20.08 -11.58
C LYS A 92 -11.20 -20.69 -12.76
N ARG A 93 -12.34 -20.09 -13.13
CA ARG A 93 -13.12 -20.54 -14.27
C ARG A 93 -12.39 -20.45 -15.61
N VAL A 94 -11.46 -19.51 -15.74
CA VAL A 94 -10.75 -19.31 -17.02
C VAL A 94 -9.87 -20.51 -17.39
N LEU A 95 -9.53 -21.34 -16.41
CA LEU A 95 -8.60 -22.43 -16.61
C LEU A 95 -9.08 -23.45 -17.65
N ARG A 96 -10.36 -23.83 -17.57
CA ARG A 96 -10.93 -24.75 -18.58
C ARG A 96 -11.07 -24.08 -19.94
N TRP A 97 -11.41 -22.79 -19.96
CA TRP A 97 -11.58 -22.04 -21.19
C TRP A 97 -10.30 -21.82 -21.99
N GLU A 98 -9.14 -21.91 -21.33
CA GLU A 98 -7.85 -21.66 -21.99
C GLU A 98 -7.12 -22.94 -22.39
N SER A 99 -7.50 -24.06 -21.79
CA SER A 99 -6.79 -25.33 -22.01
C SER A 99 -7.59 -26.31 -22.88
N ASP A 100 -8.91 -26.13 -22.94
CA ASP A 100 -9.75 -26.94 -23.80
C ASP A 100 -9.81 -26.29 -25.17
N ARG A 101 -9.36 -27.04 -26.18
CA ARG A 101 -9.23 -26.56 -27.55
C ARG A 101 -10.49 -25.86 -28.05
N ASN A 102 -11.64 -26.47 -27.77
CA ASN A 102 -12.92 -25.98 -28.28
C ASN A 102 -13.44 -24.73 -27.57
N LEU A 103 -13.29 -24.71 -26.25
CA LEU A 103 -13.65 -23.53 -25.47
C LEU A 103 -12.75 -22.35 -25.86
N GLU A 104 -11.46 -22.62 -25.97
CA GLU A 104 -10.47 -21.62 -26.38
C GLU A 104 -10.80 -21.01 -27.74
N ARG A 105 -11.12 -21.86 -28.71
CA ARG A 105 -11.51 -21.42 -30.05
C ARG A 105 -12.76 -20.53 -30.02
N LYS A 106 -13.73 -20.91 -29.21
CA LYS A 106 -14.95 -20.12 -29.02
C LYS A 106 -14.65 -18.74 -28.40
N TRP A 107 -13.82 -18.73 -27.36
CA TRP A 107 -13.35 -17.49 -26.71
C TRP A 107 -12.76 -16.53 -27.73
N LEU A 108 -11.80 -17.03 -28.51
CA LEU A 108 -11.09 -16.22 -29.51
C LEU A 108 -12.02 -15.75 -30.63
N LYS A 109 -12.93 -16.65 -31.06
CA LYS A 109 -13.91 -16.33 -32.09
C LYS A 109 -14.85 -15.22 -31.62
N LYS A 110 -15.35 -15.34 -30.38
CA LYS A 110 -16.21 -14.31 -29.81
C LYS A 110 -15.48 -12.99 -29.61
N ALA A 111 -14.19 -13.06 -29.26
CA ALA A 111 -13.36 -11.86 -29.11
C ALA A 111 -12.94 -11.24 -30.44
N GLY A 112 -13.34 -11.89 -31.55
CA GLY A 112 -13.01 -11.39 -32.89
C GLY A 112 -11.51 -11.37 -33.11
N ILE A 113 -10.84 -12.45 -32.70
CA ILE A 113 -9.40 -12.57 -32.87
C ILE A 113 -9.11 -13.44 -34.07
N ARG A 114 -8.28 -12.93 -34.98
CA ARG A 114 -7.82 -13.69 -36.14
C ARG A 114 -7.01 -14.91 -35.67
N VAL A 115 -7.50 -16.09 -36.05
CA VAL A 115 -6.89 -17.38 -35.73
C VAL A 115 -6.67 -18.19 -37.01
N PRO A 116 -5.86 -19.26 -36.98
CA PRO A 116 -5.75 -20.09 -38.16
C PRO A 116 -7.06 -20.83 -38.48
N GLU A 117 -7.44 -20.81 -39.75
CA GLU A 117 -8.63 -21.52 -40.23
C GLU A 117 -8.46 -23.03 -40.07
N VAL A 118 -9.48 -23.69 -39.53
CA VAL A 118 -9.45 -25.13 -39.35
C VAL A 118 -10.21 -25.83 -40.49
N TYR A 119 -9.61 -26.88 -41.02
CA TYR A 119 -10.23 -27.68 -42.08
C TYR A 119 -10.68 -29.02 -41.51
N GLU A 120 -11.97 -29.28 -41.61
CA GLU A 120 -12.55 -30.55 -41.16
C GLU A 120 -12.36 -31.64 -42.21
N ASP A 121 -12.51 -31.27 -43.47
CA ASP A 121 -12.38 -32.20 -44.58
C ASP A 121 -11.17 -31.81 -45.45
N PRO A 122 -10.21 -32.74 -45.60
CA PRO A 122 -9.01 -32.57 -46.42
C PRO A 122 -9.27 -32.10 -47.85
N ASP A 123 -10.45 -32.40 -48.38
CA ASP A 123 -10.76 -32.02 -49.76
C ASP A 123 -11.12 -30.54 -49.89
N ASP A 124 -11.25 -29.85 -48.76
CA ASP A 124 -11.53 -28.41 -48.72
C ASP A 124 -10.28 -27.52 -48.78
N ILE A 125 -9.10 -28.13 -48.72
CA ILE A 125 -7.83 -27.41 -48.70
C ILE A 125 -7.59 -26.61 -49.99
N GLU A 126 -7.56 -25.29 -49.87
CA GLU A 126 -7.29 -24.41 -51.01
C GLU A 126 -6.00 -23.60 -50.84
N LYS A 127 -5.52 -23.50 -49.61
CA LYS A 127 -4.24 -22.84 -49.30
C LYS A 127 -3.38 -23.78 -48.46
N PRO A 128 -2.04 -23.58 -48.45
CA PRO A 128 -1.15 -24.48 -47.69
C PRO A 128 -1.59 -24.67 -46.23
N VAL A 129 -1.53 -25.91 -45.78
CA VAL A 129 -2.00 -26.28 -44.45
C VAL A 129 -0.96 -27.08 -43.67
N ILE A 130 -1.07 -27.02 -42.35
CA ILE A 130 -0.29 -27.86 -41.46
C ILE A 130 -1.19 -28.94 -40.89
N VAL A 131 -0.73 -30.19 -40.94
CA VAL A 131 -1.52 -31.30 -40.41
C VAL A 131 -0.87 -31.93 -39.18
N LYS A 132 -1.68 -32.05 -38.12
CA LYS A 132 -1.22 -32.50 -36.81
C LYS A 132 -1.90 -33.81 -36.39
N PRO A 133 -1.17 -34.94 -36.46
CA PRO A 133 -1.69 -36.22 -36.00
C PRO A 133 -1.99 -36.24 -34.50
N HIS A 134 -3.17 -36.76 -34.14
CA HIS A 134 -3.54 -36.98 -32.74
C HIS A 134 -2.86 -38.24 -32.20
N GLY A 135 -2.46 -38.23 -30.92
CA GLY A 135 -2.57 -37.07 -30.04
C GLY A 135 -1.32 -36.23 -30.14
N ALA A 136 -1.52 -34.93 -30.37
CA ALA A 136 -0.41 -34.00 -30.60
C ALA A 136 0.56 -33.93 -29.42
N LYS A 137 1.81 -34.29 -29.68
CA LYS A 137 2.86 -34.29 -28.65
C LYS A 137 4.00 -33.32 -29.03
N GLY A 138 3.73 -32.02 -28.88
CA GLY A 138 4.74 -30.98 -29.11
C GLY A 138 5.36 -30.96 -30.49
N GLY A 139 4.51 -31.01 -31.52
CA GLY A 139 4.97 -30.93 -32.91
C GLY A 139 5.53 -32.22 -33.49
N LYS A 140 5.11 -33.36 -32.93
CA LYS A 140 5.59 -34.68 -33.37
C LYS A 140 4.86 -35.17 -34.63
N GLY A 141 5.60 -35.25 -35.74
CA GLY A 141 5.07 -35.75 -37.01
C GLY A 141 4.32 -34.72 -37.85
N TYR A 142 4.41 -33.45 -37.46
CA TYR A 142 3.76 -32.34 -38.16
C TYR A 142 4.32 -32.19 -39.57
N PHE A 143 3.43 -32.09 -40.56
CA PHE A 143 3.85 -31.86 -41.95
C PHE A 143 2.93 -30.91 -42.71
N LEU A 144 3.40 -30.46 -43.88
CA LEU A 144 2.68 -29.50 -44.70
C LEU A 144 2.06 -30.15 -45.94
N ALA A 145 0.92 -29.60 -46.37
CA ALA A 145 0.26 -30.00 -47.61
C ALA A 145 -0.30 -28.75 -48.29
N LYS A 146 -0.32 -28.73 -49.62
CA LYS A 146 -0.74 -27.53 -50.37
C LYS A 146 -2.10 -27.65 -51.06
N ASP A 147 -2.55 -28.89 -51.30
CA ASP A 147 -3.84 -29.16 -51.93
C ASP A 147 -4.32 -30.57 -51.56
N PRO A 148 -5.60 -30.90 -51.86
CA PRO A 148 -6.14 -32.23 -51.52
C PRO A 148 -5.28 -33.40 -52.02
N GLU A 149 -4.86 -33.35 -53.28
CA GLU A 149 -4.05 -34.41 -53.89
C GLU A 149 -2.72 -34.58 -53.14
N ASP A 150 -2.10 -33.46 -52.79
CA ASP A 150 -0.86 -33.45 -52.02
C ASP A 150 -1.06 -34.05 -50.63
N PHE A 151 -2.20 -33.75 -50.01
CA PHE A 151 -2.55 -34.28 -48.69
C PHE A 151 -2.62 -35.80 -48.69
N TRP A 152 -3.35 -36.37 -49.65
CA TRP A 152 -3.58 -37.81 -49.68
C TRP A 152 -2.33 -38.62 -49.97
N ARG A 153 -1.45 -38.09 -50.81
CA ARG A 153 -0.15 -38.71 -51.07
C ARG A 153 0.70 -38.79 -49.80
N LYS A 154 0.66 -37.73 -49.00
CA LYS A 154 1.41 -37.67 -47.75
C LYS A 154 0.74 -38.46 -46.63
N ALA A 155 -0.60 -38.52 -46.68
CA ALA A 155 -1.36 -39.34 -45.73
C ALA A 155 -1.04 -40.82 -45.91
N GLU A 156 -0.78 -41.21 -47.15
CA GLU A 156 -0.34 -42.57 -47.45
C GLU A 156 1.08 -42.83 -46.91
N LYS A 157 2.02 -41.97 -47.31
CA LYS A 157 3.43 -42.13 -46.97
C LYS A 157 3.72 -42.04 -45.47
N PHE A 158 3.16 -41.04 -44.78
CA PHE A 158 3.50 -40.79 -43.38
C PHE A 158 2.52 -41.41 -42.37
N LEU A 159 1.39 -41.92 -42.84
CA LEU A 159 0.36 -42.46 -41.94
C LEU A 159 -0.21 -43.81 -42.38
N GLY A 160 0.12 -44.25 -43.59
CA GLY A 160 -0.34 -45.54 -44.11
C GLY A 160 -1.82 -45.57 -44.47
N ILE A 161 -2.35 -44.40 -44.86
CA ILE A 161 -3.76 -44.29 -45.26
C ILE A 161 -3.91 -44.56 -46.75
N LYS A 162 -4.58 -45.67 -47.08
CA LYS A 162 -4.79 -46.06 -48.47
C LYS A 162 -6.25 -45.93 -48.91
N ARG A 163 -7.14 -45.78 -47.92
CA ARG A 163 -8.56 -45.52 -48.19
C ARG A 163 -9.01 -44.36 -47.32
N LYS A 164 -9.84 -43.49 -47.89
CA LYS A 164 -10.29 -42.30 -47.18
C LYS A 164 -11.08 -42.59 -45.89
N GLU A 165 -11.75 -43.74 -45.85
CA GLU A 165 -12.43 -44.25 -44.67
C GLU A 165 -11.50 -44.28 -43.46
N ASP A 166 -10.24 -44.61 -43.71
CA ASP A 166 -9.29 -44.95 -42.65
C ASP A 166 -8.64 -43.75 -41.98
N LEU A 167 -8.90 -42.55 -42.50
CA LEU A 167 -8.40 -41.31 -41.91
C LEU A 167 -8.97 -41.11 -40.51
N LYS A 168 -8.11 -41.25 -39.51
CA LYS A 168 -8.53 -41.32 -38.11
C LYS A 168 -8.22 -40.05 -37.33
N ASN A 169 -9.26 -39.23 -37.10
CA ASN A 169 -9.23 -38.05 -36.22
C ASN A 169 -7.88 -37.29 -36.13
N ILE A 170 -7.72 -36.32 -37.02
CA ILE A 170 -6.49 -35.51 -37.06
C ILE A 170 -6.84 -34.02 -37.06
N GLN A 171 -5.81 -33.18 -37.09
CA GLN A 171 -5.99 -31.73 -37.15
C GLN A 171 -5.41 -31.19 -38.45
N ILE A 172 -6.23 -30.42 -39.18
CA ILE A 172 -5.76 -29.73 -40.37
C ILE A 172 -6.04 -28.25 -40.21
N GLN A 173 -4.98 -27.46 -40.32
CA GLN A 173 -5.01 -26.06 -39.94
C GLN A 173 -4.30 -25.23 -40.98
N GLU A 174 -4.87 -24.07 -41.30
CA GLU A 174 -4.21 -23.09 -42.15
C GLU A 174 -2.80 -22.85 -41.64
N TYR A 175 -1.81 -23.01 -42.53
CA TYR A 175 -0.44 -22.73 -42.16
C TYR A 175 -0.18 -21.23 -42.23
N VAL A 176 0.04 -20.61 -41.07
CA VAL A 176 0.26 -19.17 -41.00
C VAL A 176 1.73 -18.86 -40.78
N LEU A 177 2.35 -18.18 -41.74
CA LEU A 177 3.76 -17.83 -41.65
C LEU A 177 3.98 -16.41 -41.11
N GLY A 178 4.65 -16.32 -39.95
CA GLY A 178 4.95 -15.02 -39.35
C GLY A 178 5.98 -15.14 -38.25
N VAL A 179 6.46 -13.99 -37.77
CA VAL A 179 7.40 -13.98 -36.65
C VAL A 179 6.68 -14.07 -35.31
N PRO A 180 7.17 -14.96 -34.41
CA PRO A 180 6.57 -15.10 -33.08
C PRO A 180 6.61 -13.79 -32.30
N VAL A 181 5.48 -13.46 -31.67
CA VAL A 181 5.30 -12.23 -30.90
C VAL A 181 4.34 -12.53 -29.76
N TYR A 182 4.77 -12.22 -28.55
CA TYR A 182 4.01 -12.55 -27.34
C TYR A 182 3.73 -11.31 -26.48
N PRO A 183 2.61 -10.61 -26.73
CA PRO A 183 2.21 -9.46 -25.92
C PRO A 183 1.76 -9.87 -24.51
N HIS A 184 2.20 -9.13 -23.50
CA HIS A 184 1.81 -9.38 -22.12
C HIS A 184 0.87 -8.30 -21.61
N TYR A 185 -0.32 -8.71 -21.19
CA TYR A 185 -1.31 -7.75 -20.74
C TYR A 185 -1.53 -7.85 -19.23
N PHE A 186 -2.16 -6.82 -18.68
CA PHE A 186 -2.71 -6.89 -17.34
C PHE A 186 -4.04 -6.16 -17.31
N TYR A 187 -5.08 -6.88 -16.91
CA TYR A 187 -6.37 -6.24 -16.68
C TYR A 187 -6.62 -6.05 -15.18
N SER A 188 -6.82 -4.80 -14.80
CA SER A 188 -7.11 -4.45 -13.42
C SER A 188 -8.61 -4.44 -13.19
N LYS A 189 -9.08 -5.33 -12.30
CA LYS A 189 -10.48 -5.31 -11.92
C LYS A 189 -10.74 -4.09 -11.04
N VAL A 190 -9.80 -3.80 -10.15
CA VAL A 190 -9.89 -2.65 -9.26
C VAL A 190 -10.09 -1.35 -10.03
N ARG A 191 -9.31 -1.16 -11.09
CA ARG A 191 -9.38 0.07 -11.88
C ARG A 191 -10.23 -0.06 -13.15
N GLU A 192 -10.71 -1.28 -13.43
CA GLU A 192 -11.41 -1.60 -14.69
C GLU A 192 -10.63 -1.06 -15.90
N GLU A 193 -9.40 -1.54 -16.02
CA GLU A 193 -8.42 -0.92 -16.92
C GLU A 193 -7.49 -1.98 -17.48
N LEU A 194 -7.30 -1.97 -18.79
CA LEU A 194 -6.30 -2.84 -19.43
C LEU A 194 -4.97 -2.10 -19.64
N GLU A 195 -3.87 -2.78 -19.37
CA GLU A 195 -2.53 -2.28 -19.66
C GLU A 195 -1.80 -3.24 -20.58
N LEU A 196 -0.91 -2.69 -21.40
CA LEU A 196 0.11 -3.49 -22.03
C LEU A 196 1.35 -3.41 -21.15
N MET A 197 1.80 -4.56 -20.65
CA MET A 197 2.89 -4.60 -19.69
C MET A 197 4.27 -4.72 -20.34
N SER A 198 4.33 -5.50 -21.42
CA SER A 198 5.59 -5.88 -22.03
C SER A 198 5.31 -6.81 -23.21
N ILE A 199 6.33 -7.04 -24.03
CA ILE A 199 6.27 -7.98 -25.14
C ILE A 199 7.58 -8.77 -25.17
N ASP A 200 7.51 -10.06 -25.49
CA ASP A 200 8.71 -10.86 -25.69
C ASP A 200 8.65 -11.77 -26.92
N ARG A 201 9.79 -12.41 -27.18
CA ARG A 201 9.94 -13.42 -28.22
C ARG A 201 10.45 -14.65 -27.49
N ARG A 202 9.59 -15.65 -27.36
CA ARG A 202 9.94 -16.88 -26.65
C ARG A 202 11.03 -17.63 -27.41
N TYR A 203 11.96 -18.20 -26.66
CA TYR A 203 13.18 -18.81 -27.18
C TYR A 203 13.08 -20.33 -27.02
N GLU A 204 13.05 -21.05 -28.14
CA GLU A 204 12.66 -22.45 -28.16
C GLU A 204 13.66 -23.39 -28.84
N SER A 205 13.77 -24.61 -28.32
CA SER A 205 14.74 -25.61 -28.79
C SER A 205 14.00 -26.88 -29.24
N ASN A 206 14.32 -27.43 -30.41
CA ASN A 206 15.45 -27.03 -31.25
C ASN A 206 15.11 -26.03 -32.36
N VAL A 207 13.86 -25.59 -32.41
CA VAL A 207 13.38 -24.73 -33.50
C VAL A 207 14.22 -23.46 -33.75
N ASP A 208 14.70 -22.81 -32.69
CA ASP A 208 15.51 -21.60 -32.86
C ASP A 208 17.01 -21.86 -33.09
N ALA A 209 17.38 -23.14 -33.10
CA ALA A 209 18.76 -23.53 -33.37
C ALA A 209 18.96 -23.96 -34.83
N ILE A 210 17.89 -24.41 -35.49
CA ILE A 210 18.05 -24.97 -36.84
C ILE A 210 18.45 -23.93 -37.89
N GLY A 211 18.07 -22.67 -37.65
CA GLY A 211 18.43 -21.56 -38.51
C GLY A 211 19.94 -21.36 -38.62
N ARG A 212 20.67 -21.91 -37.66
CA ARG A 212 22.13 -21.84 -37.65
C ARG A 212 22.77 -22.97 -38.47
N ILE A 213 21.93 -23.92 -38.91
CA ILE A 213 22.39 -25.06 -39.68
C ILE A 213 22.18 -24.82 -41.19
N PRO A 214 23.28 -24.89 -41.97
CA PRO A 214 23.21 -24.75 -43.44
C PRO A 214 22.22 -25.73 -44.07
N ALA A 215 21.47 -25.26 -45.06
CA ALA A 215 20.47 -26.09 -45.75
C ALA A 215 21.03 -27.45 -46.17
N LYS A 216 22.26 -27.46 -46.68
CA LYS A 216 22.91 -28.69 -47.13
C LYS A 216 23.01 -29.75 -46.03
N ASP A 217 23.43 -29.31 -44.85
CA ASP A 217 23.59 -30.20 -43.70
C ASP A 217 22.26 -30.67 -43.12
N GLN A 218 21.23 -29.81 -43.19
CA GLN A 218 19.89 -30.16 -42.74
C GLN A 218 19.30 -31.31 -43.58
N LEU A 219 19.60 -31.31 -44.87
CA LEU A 219 19.01 -32.26 -45.81
C LEU A 219 19.59 -33.67 -45.70
N GLU A 220 20.82 -33.78 -45.23
CA GLU A 220 21.44 -35.08 -44.99
C GLU A 220 20.82 -35.85 -43.84
N PHE A 221 20.07 -35.15 -42.98
CA PHE A 221 19.47 -35.76 -41.80
C PHE A 221 17.96 -35.67 -41.78
N ASP A 222 17.34 -36.70 -41.23
CA ASP A 222 15.92 -36.72 -40.97
C ASP A 222 15.77 -36.10 -39.59
N MET A 223 15.46 -34.81 -39.55
CA MET A 223 15.49 -34.07 -38.29
C MET A 223 14.11 -33.89 -37.63
N ASP A 224 14.11 -33.91 -36.30
CA ASP A 224 12.88 -33.81 -35.52
C ASP A 224 12.77 -32.41 -34.92
N ILE A 225 11.86 -31.60 -35.47
CA ILE A 225 11.68 -30.24 -34.99
C ILE A 225 10.90 -30.20 -33.68
N THR A 226 11.45 -29.50 -32.69
CA THR A 226 10.87 -29.40 -31.36
C THR A 226 10.78 -27.96 -30.87
N TYR A 227 9.90 -27.75 -29.89
CA TYR A 227 9.50 -26.42 -29.45
C TYR A 227 9.57 -26.28 -27.93
N THR A 228 10.56 -26.95 -27.32
CA THR A 228 10.77 -26.86 -25.88
C THR A 228 11.12 -25.43 -25.52
N VAL A 229 10.42 -24.89 -24.51
CA VAL A 229 10.66 -23.54 -24.06
C VAL A 229 11.96 -23.49 -23.26
N ILE A 230 12.88 -22.63 -23.70
CA ILE A 230 14.18 -22.49 -23.04
C ILE A 230 14.31 -21.16 -22.31
N GLY A 231 13.87 -20.09 -22.97
CA GLY A 231 13.96 -18.76 -22.38
C GLY A 231 13.12 -17.74 -23.10
N ASN A 232 13.51 -16.48 -22.94
CA ASN A 232 12.74 -15.36 -23.45
C ASN A 232 13.64 -14.20 -23.86
N ILE A 233 13.27 -13.54 -24.96
CA ILE A 233 14.05 -12.44 -25.53
C ILE A 233 13.15 -11.20 -25.57
N PRO A 234 13.64 -10.06 -25.06
CA PRO A 234 12.78 -8.87 -25.06
C PRO A 234 12.65 -8.26 -26.45
N ILE A 235 11.45 -7.80 -26.79
CA ILE A 235 11.23 -7.04 -28.02
C ILE A 235 10.32 -5.86 -27.75
N VAL A 236 10.27 -4.90 -28.68
CA VAL A 236 9.15 -3.96 -28.77
C VAL A 236 8.52 -4.11 -30.14
N LEU A 237 7.26 -3.74 -30.25
CA LEU A 237 6.60 -3.72 -31.53
C LEU A 237 6.78 -2.39 -32.23
N ARG A 238 6.61 -2.44 -33.55
CA ARG A 238 6.34 -1.26 -34.34
C ARG A 238 5.13 -0.55 -33.74
N GLU A 239 5.25 0.77 -33.55
CA GLU A 239 4.28 1.54 -32.76
C GLU A 239 2.85 1.50 -33.32
N SER A 240 2.73 1.56 -34.65
CA SER A 240 1.41 1.53 -35.30
C SER A 240 0.70 0.19 -35.19
N LEU A 241 1.35 -0.81 -34.60
CA LEU A 241 0.72 -2.11 -34.41
C LEU A 241 0.12 -2.25 -33.01
N LEU A 242 0.45 -1.33 -32.11
CA LEU A 242 0.06 -1.45 -30.71
C LEU A 242 -1.44 -1.39 -30.49
N MET A 243 -2.11 -0.46 -31.19
CA MET A 243 -3.54 -0.25 -31.02
C MET A 243 -4.37 -1.53 -31.25
N ASP A 244 -4.13 -2.23 -32.36
CA ASP A 244 -4.87 -3.47 -32.64
C ASP A 244 -4.51 -4.60 -31.66
N VAL A 245 -3.26 -4.62 -31.22
CA VAL A 245 -2.80 -5.56 -30.21
C VAL A 245 -3.51 -5.30 -28.88
N ILE A 246 -3.67 -4.02 -28.52
CA ILE A 246 -4.34 -3.65 -27.28
C ILE A 246 -5.86 -3.90 -27.37
N GLU A 247 -6.45 -3.51 -28.50
CA GLU A 247 -7.87 -3.77 -28.75
C GLU A 247 -8.20 -5.26 -28.73
N ALA A 248 -7.28 -6.08 -29.23
CA ALA A 248 -7.42 -7.53 -29.15
C ALA A 248 -7.56 -7.98 -27.69
N GLY A 249 -6.74 -7.38 -26.81
CA GLY A 249 -6.82 -7.65 -25.38
C GLY A 249 -8.12 -7.21 -24.75
N GLU A 250 -8.60 -6.02 -25.11
CA GLU A 250 -9.89 -5.52 -24.63
C GLU A 250 -11.02 -6.48 -24.99
N ARG A 251 -11.03 -6.93 -26.25
CA ARG A 251 -12.07 -7.84 -26.73
C ARG A 251 -12.02 -9.19 -26.04
N VAL A 252 -10.82 -9.72 -25.82
CA VAL A 252 -10.64 -10.95 -25.06
C VAL A 252 -11.24 -10.82 -23.65
N VAL A 253 -10.92 -9.70 -22.98
CA VAL A 253 -11.43 -9.42 -21.63
C VAL A 253 -12.94 -9.29 -21.64
N LYS A 254 -13.46 -8.49 -22.58
CA LYS A 254 -14.90 -8.26 -22.74
C LYS A 254 -15.68 -9.56 -22.97
N ALA A 255 -15.17 -10.41 -23.84
CA ALA A 255 -15.78 -11.70 -24.12
C ALA A 255 -15.80 -12.62 -22.89
N ALA A 256 -14.74 -12.55 -22.09
CA ALA A 256 -14.66 -13.33 -20.84
C ALA A 256 -15.74 -12.94 -19.82
N GLU A 257 -16.08 -11.66 -19.78
CA GLU A 257 -17.13 -11.16 -18.89
C GLU A 257 -18.47 -11.82 -19.17
N GLU A 258 -18.75 -12.05 -20.45
CA GLU A 258 -19.98 -12.69 -20.90
C GLU A 258 -19.93 -14.22 -20.82
N LEU A 259 -18.74 -14.80 -20.96
CA LEU A 259 -18.59 -16.26 -21.08
C LEU A 259 -18.25 -17.03 -19.80
N MET A 260 -17.51 -16.42 -18.89
CA MET A 260 -16.89 -17.17 -17.79
C MET A 260 -16.79 -16.44 -16.45
N GLY A 261 -17.50 -15.32 -16.34
CA GLY A 261 -17.44 -14.52 -15.12
C GLY A 261 -16.27 -13.55 -15.07
N GLY A 262 -15.64 -13.30 -16.22
CA GLY A 262 -14.62 -12.26 -16.33
C GLY A 262 -13.17 -12.73 -16.38
N LEU A 263 -12.31 -11.85 -16.87
CA LEU A 263 -10.87 -12.07 -16.85
C LEU A 263 -10.18 -10.86 -16.24
N TRP A 264 -9.37 -11.10 -15.21
CA TRP A 264 -8.53 -10.05 -14.66
C TRP A 264 -7.16 -10.59 -14.30
N GLY A 265 -6.22 -9.67 -14.10
CA GLY A 265 -4.82 -10.04 -13.87
C GLY A 265 -4.06 -10.21 -15.18
N PRO A 266 -2.91 -10.91 -15.13
CA PRO A 266 -2.08 -11.03 -16.32
C PRO A 266 -2.59 -12.08 -17.31
N PHE A 267 -2.40 -11.79 -18.60
CA PHE A 267 -2.63 -12.76 -19.64
C PHE A 267 -1.80 -12.46 -20.88
N CYS A 268 -1.75 -13.41 -21.80
CA CYS A 268 -0.94 -13.25 -23.00
C CYS A 268 -1.60 -13.88 -24.20
N LEU A 269 -1.52 -13.21 -25.34
CA LEU A 269 -1.92 -13.80 -26.62
C LEU A 269 -0.66 -14.27 -27.36
N GLU A 270 -0.60 -15.56 -27.68
CA GLU A 270 0.57 -16.14 -28.33
C GLU A 270 0.29 -16.33 -29.80
N GLY A 271 1.02 -15.61 -30.65
CA GLY A 271 0.81 -15.69 -32.07
C GLY A 271 1.99 -15.25 -32.91
N VAL A 272 1.69 -14.87 -34.14
CA VAL A 272 2.70 -14.45 -35.10
C VAL A 272 2.24 -13.19 -35.81
N PHE A 273 3.19 -12.38 -36.25
CA PHE A 273 2.89 -11.26 -37.13
C PHE A 273 3.30 -11.58 -38.56
N THR A 274 2.32 -11.56 -39.46
CA THR A 274 2.54 -11.89 -40.87
C THR A 274 3.13 -10.69 -41.60
N PRO A 275 3.62 -10.88 -42.84
CA PRO A 275 4.13 -9.77 -43.66
C PRO A 275 3.08 -8.73 -43.99
N ASP A 276 1.80 -9.08 -43.86
CA ASP A 276 0.69 -8.14 -44.10
C ASP A 276 0.25 -7.40 -42.82
N LEU A 277 1.04 -7.54 -41.76
CA LEU A 277 0.79 -6.85 -40.48
C LEU A 277 -0.44 -7.37 -39.75
N GLU A 278 -0.75 -8.64 -39.98
CA GLU A 278 -1.83 -9.32 -39.28
C GLU A 278 -1.27 -10.05 -38.07
N PHE A 279 -1.95 -9.90 -36.94
CA PHE A 279 -1.62 -10.62 -35.73
C PHE A 279 -2.51 -11.86 -35.63
N VAL A 280 -1.91 -13.01 -35.87
CA VAL A 280 -2.64 -14.27 -35.84
C VAL A 280 -2.27 -15.02 -34.56
N VAL A 281 -3.29 -15.39 -33.79
CA VAL A 281 -3.10 -15.96 -32.46
C VAL A 281 -3.31 -17.47 -32.47
N PHE A 282 -2.33 -18.20 -31.95
CA PHE A 282 -2.41 -19.66 -31.82
C PHE A 282 -3.03 -20.09 -30.49
N GLU A 283 -2.74 -19.34 -29.42
CA GLU A 283 -3.19 -19.70 -28.06
C GLU A 283 -3.38 -18.47 -27.18
N ILE A 284 -4.30 -18.57 -26.23
CA ILE A 284 -4.37 -17.62 -25.13
C ILE A 284 -3.84 -18.29 -23.87
N SER A 285 -3.00 -17.56 -23.14
CA SER A 285 -2.57 -17.98 -21.81
C SER A 285 -3.16 -17.01 -20.81
N ALA A 286 -4.23 -17.43 -20.15
CA ALA A 286 -4.96 -16.56 -19.23
C ALA A 286 -4.30 -16.58 -17.86
N ARG A 287 -3.01 -16.26 -17.87
CA ARG A 287 -2.14 -16.37 -16.71
C ARG A 287 -0.88 -15.55 -17.01
N ILE A 288 -0.02 -15.38 -16.01
CA ILE A 288 1.30 -14.78 -16.22
C ILE A 288 2.16 -15.72 -17.09
N VAL A 289 2.90 -15.14 -18.03
CA VAL A 289 3.80 -15.95 -18.87
C VAL A 289 5.27 -15.62 -18.61
N ALA A 290 6.15 -16.58 -18.90
CA ALA A 290 7.56 -16.48 -18.54
C ALA A 290 8.28 -15.30 -19.20
N GLY A 291 7.74 -14.80 -20.30
CA GLY A 291 8.30 -13.65 -21.00
C GLY A 291 8.37 -12.41 -20.14
N THR A 292 7.47 -12.31 -19.16
CA THR A 292 7.45 -11.20 -18.22
C THR A 292 8.65 -11.21 -17.27
N ASN A 293 9.33 -12.34 -17.17
CA ASN A 293 10.52 -12.46 -16.31
C ASN A 293 11.68 -11.54 -16.71
N ILE A 294 11.68 -11.08 -17.96
CA ILE A 294 12.71 -10.17 -18.43
C ILE A 294 12.57 -8.81 -17.73
N PHE A 295 11.35 -8.50 -17.30
CA PHE A 295 11.02 -7.10 -17.00
C PHE A 295 10.85 -6.82 -15.51
N VAL A 296 11.68 -7.48 -14.71
CA VAL A 296 11.79 -7.23 -13.28
C VAL A 296 12.02 -5.74 -13.00
N ASN A 297 12.85 -5.10 -13.83
CA ASN A 297 13.11 -3.66 -13.73
C ASN A 297 12.27 -2.82 -14.70
N GLY A 298 11.04 -3.27 -14.95
CA GLY A 298 10.15 -2.57 -15.87
C GLY A 298 10.41 -2.94 -17.32
N SER A 299 9.59 -2.40 -18.22
CA SER A 299 9.71 -2.69 -19.65
C SER A 299 9.69 -1.37 -20.42
N PRO A 300 10.06 -1.40 -21.71
CA PRO A 300 9.96 -0.16 -22.50
C PRO A 300 8.55 0.42 -22.51
N TYR A 301 7.56 -0.38 -22.13
CA TYR A 301 6.17 0.04 -22.10
C TYR A 301 5.74 0.60 -20.73
N THR A 302 6.16 -0.04 -19.63
CA THR A 302 5.81 0.46 -18.29
C THR A 302 6.51 1.78 -17.96
N TRP A 303 7.73 1.97 -18.47
CA TRP A 303 8.43 3.24 -18.26
C TRP A 303 7.83 4.38 -19.08
N LEU A 304 6.87 4.06 -19.94
CA LEU A 304 6.11 5.08 -20.63
C LEU A 304 5.07 5.73 -19.69
N ARG A 305 4.69 5.03 -18.63
CA ARG A 305 3.58 5.49 -17.79
C ARG A 305 3.78 5.45 -16.28
N TYR A 306 4.86 4.84 -15.82
CA TYR A 306 5.20 4.82 -14.40
C TYR A 306 6.53 5.52 -14.14
N ASP A 307 6.73 5.94 -12.89
CA ASP A 307 7.95 6.61 -12.48
C ASP A 307 8.91 5.66 -11.75
N ARG A 308 8.62 4.36 -11.86
CA ARG A 308 9.38 3.35 -11.14
C ARG A 308 9.27 2.02 -11.88
N PRO A 309 10.16 1.04 -11.56
CA PRO A 309 10.12 -0.26 -12.25
C PRO A 309 8.89 -1.09 -11.92
N VAL A 310 8.10 -1.42 -12.94
CA VAL A 310 6.91 -2.25 -12.73
C VAL A 310 6.91 -3.52 -13.59
N SER A 311 7.24 -4.63 -12.94
CA SER A 311 7.10 -5.95 -13.56
C SER A 311 5.63 -6.37 -13.49
N THR A 312 5.27 -7.43 -14.22
CA THR A 312 3.94 -7.99 -14.13
C THR A 312 3.70 -8.51 -12.70
N GLY A 313 4.74 -9.08 -12.10
CA GLY A 313 4.71 -9.53 -10.72
C GLY A 313 4.41 -8.42 -9.75
N ARG A 314 5.11 -7.29 -9.89
CA ARG A 314 4.84 -6.11 -9.07
C ARG A 314 3.42 -5.57 -9.32
N ARG A 315 2.98 -5.61 -10.58
CA ARG A 315 1.66 -5.11 -10.94
C ARG A 315 0.56 -5.91 -10.25
N ILE A 316 0.73 -7.24 -10.21
CA ILE A 316 -0.16 -8.11 -9.46
C ILE A 316 -0.21 -7.69 -7.99
N ALA A 317 0.96 -7.54 -7.38
CA ALA A 317 1.05 -7.09 -5.97
C ALA A 317 0.43 -5.72 -5.74
N MET A 318 0.58 -4.81 -6.71
CA MET A 318 -0.05 -3.49 -6.63
C MET A 318 -1.57 -3.62 -6.64
N GLU A 319 -2.07 -4.52 -7.50
CA GLU A 319 -3.51 -4.77 -7.61
C GLU A 319 -4.06 -5.27 -6.29
N ILE A 320 -3.37 -6.24 -5.70
CA ILE A 320 -3.82 -6.84 -4.45
C ILE A 320 -3.83 -5.80 -3.32
N ARG A 321 -2.75 -5.04 -3.20
CA ARG A 321 -2.66 -3.94 -2.24
C ARG A 321 -3.81 -2.93 -2.42
N GLU A 322 -4.00 -2.48 -3.67
CA GLU A 322 -5.04 -1.52 -3.98
C GLU A 322 -6.45 -2.05 -3.66
N ALA A 323 -6.66 -3.35 -3.85
CA ALA A 323 -7.92 -4.00 -3.51
C ALA A 323 -8.18 -3.95 -2.00
N ILE A 324 -7.16 -4.32 -1.21
CA ILE A 324 -7.21 -4.21 0.24
C ILE A 324 -7.50 -2.76 0.67
N GLU A 325 -6.77 -1.81 0.07
CA GLU A 325 -6.90 -0.39 0.41
C GLU A 325 -8.31 0.13 0.17
N ASN A 326 -8.96 -0.39 -0.86
CA ASN A 326 -10.31 0.04 -1.22
C ASN A 326 -11.39 -0.95 -0.77
N ASP A 327 -11.00 -1.86 0.12
CA ASP A 327 -11.91 -2.85 0.69
C ASP A 327 -12.65 -3.66 -0.36
N MET A 328 -11.92 -4.20 -1.33
CA MET A 328 -12.50 -5.02 -2.38
C MET A 328 -11.62 -6.22 -2.73
N LEU A 329 -10.90 -6.74 -1.74
CA LEU A 329 -10.05 -7.90 -1.97
C LEU A 329 -10.83 -9.07 -2.56
N GLU A 330 -12.04 -9.32 -2.04
CA GLU A 330 -12.85 -10.46 -2.45
C GLU A 330 -13.23 -10.44 -3.93
N LYS A 331 -13.27 -9.25 -4.52
CA LYS A 331 -13.59 -9.08 -5.93
C LYS A 331 -12.50 -9.58 -6.90
N VAL A 332 -11.25 -9.62 -6.46
CA VAL A 332 -10.14 -10.09 -7.31
C VAL A 332 -9.71 -11.51 -7.00
N LEU A 333 -10.39 -12.14 -6.06
CA LEU A 333 -10.08 -13.51 -5.67
C LEU A 333 -11.22 -14.48 -6.00
N THR A 334 -10.86 -15.72 -6.31
CA THR A 334 -11.84 -16.81 -6.39
C THR A 334 -11.34 -18.01 -5.60
N MET B 1 -7.56 4.66 -1.90
CA MET B 1 -7.90 4.36 -0.48
C MET B 1 -9.38 4.56 -0.24
N LYS B 2 -9.99 3.66 0.53
CA LYS B 2 -11.42 3.78 0.85
C LYS B 2 -11.70 5.06 1.64
N VAL B 3 -11.01 5.24 2.76
CA VAL B 3 -11.25 6.41 3.60
C VAL B 3 -10.49 7.63 3.11
N ARG B 4 -11.10 8.80 3.30
CA ARG B 4 -10.42 10.06 3.10
C ARG B 4 -10.06 10.64 4.46
N ILE B 5 -9.03 11.47 4.50
CA ILE B 5 -8.61 12.08 5.75
C ILE B 5 -9.08 13.52 5.84
N ALA B 6 -9.82 13.81 6.90
CA ALA B 6 -10.44 15.12 7.12
C ALA B 6 -9.95 15.75 8.42
N THR B 7 -9.92 17.08 8.43
CA THR B 7 -9.51 17.83 9.62
C THR B 7 -10.05 19.26 9.59
N TYR B 8 -10.19 19.85 10.78
CA TYR B 8 -10.64 21.23 10.92
C TYR B 8 -9.54 22.18 10.45
N ALA B 9 -9.92 23.23 9.73
CA ALA B 9 -8.99 24.12 9.06
C ALA B 9 -8.26 25.08 10.02
N SER B 10 -7.51 24.51 10.96
CA SER B 10 -6.68 25.30 11.86
C SER B 10 -5.69 24.45 12.64
N HIS B 11 -4.79 25.14 13.36
CA HIS B 11 -3.83 24.54 14.31
C HIS B 11 -2.66 23.78 13.67
N SER B 12 -2.98 22.71 12.94
CA SER B 12 -1.96 21.83 12.36
C SER B 12 -2.47 21.10 11.12
N ALA B 13 -3.50 21.68 10.49
CA ALA B 13 -4.17 21.06 9.35
C ALA B 13 -3.26 20.94 8.12
N LEU B 14 -2.37 21.92 7.93
CA LEU B 14 -1.39 21.87 6.85
C LEU B 14 -0.50 20.63 6.97
N GLN B 15 0.12 20.46 8.13
CA GLN B 15 0.98 19.30 8.40
C GLN B 15 0.22 17.98 8.24
N ILE B 16 -0.99 17.92 8.78
CA ILE B 16 -1.80 16.69 8.77
C ILE B 16 -2.17 16.28 7.36
N LEU B 17 -2.69 17.23 6.58
CA LEU B 17 -3.19 16.89 5.26
C LEU B 17 -2.04 16.58 4.29
N LYS B 18 -0.95 17.32 4.39
CA LYS B 18 0.26 17.00 3.62
C LYS B 18 0.71 15.57 3.90
N GLY B 19 0.75 15.20 5.18
CA GLY B 19 1.12 13.85 5.60
C GLY B 19 0.16 12.80 5.06
N ALA B 20 -1.12 13.14 5.02
CA ALA B 20 -2.13 12.26 4.43
C ALA B 20 -1.90 12.06 2.93
N LYS B 21 -1.62 13.15 2.21
CA LYS B 21 -1.25 13.08 0.80
C LYS B 21 -0.04 12.21 0.57
N ASP B 22 1.00 12.41 1.38
CA ASP B 22 2.24 11.64 1.28
C ASP B 22 2.03 10.13 1.43
N GLU B 23 0.92 9.74 2.07
CA GLU B 23 0.61 8.34 2.31
C GLU B 23 -0.50 7.81 1.41
N GLY B 24 -0.91 8.62 0.43
CA GLY B 24 -1.84 8.17 -0.60
C GLY B 24 -3.31 8.42 -0.32
N PHE B 25 -3.60 9.27 0.65
CA PHE B 25 -4.99 9.61 0.99
C PHE B 25 -5.47 10.84 0.24
N GLU B 26 -6.78 10.86 -0.04
CA GLU B 26 -7.43 12.10 -0.44
C GLU B 26 -7.76 12.91 0.81
N THR B 27 -7.73 14.24 0.69
CA THR B 27 -7.77 15.11 1.86
C THR B 27 -8.93 16.09 1.89
N ILE B 28 -9.50 16.26 3.08
CA ILE B 28 -10.58 17.22 3.30
C ILE B 28 -10.21 18.19 4.42
N ALA B 29 -10.34 19.48 4.13
CA ALA B 29 -10.27 20.51 5.17
C ALA B 29 -11.65 21.15 5.32
N PHE B 30 -12.01 21.46 6.57
CA PHE B 30 -13.28 22.16 6.81
C PHE B 30 -13.17 23.23 7.89
N GLY B 31 -13.71 24.41 7.59
CA GLY B 31 -13.67 25.55 8.49
C GLY B 31 -14.13 26.81 7.80
N SER B 32 -13.58 27.95 8.20
CA SER B 32 -14.06 29.24 7.74
C SER B 32 -13.66 29.52 6.29
N SER B 33 -14.47 30.36 5.63
CA SER B 33 -14.25 30.74 4.24
C SER B 33 -12.95 31.53 4.03
N LYS B 34 -12.53 32.26 5.07
CA LYS B 34 -11.41 33.18 4.95
C LYS B 34 -10.04 32.49 4.90
N VAL B 35 -9.98 31.25 5.35
CA VAL B 35 -8.72 30.50 5.37
C VAL B 35 -8.61 29.47 4.22
N LYS B 36 -9.64 29.40 3.38
CA LYS B 36 -9.66 28.47 2.25
C LYS B 36 -8.39 28.56 1.37
N PRO B 37 -8.03 29.79 0.91
CA PRO B 37 -6.83 29.93 0.07
C PRO B 37 -5.55 29.33 0.67
N LEU B 38 -5.49 29.23 2.00
CA LEU B 38 -4.31 28.70 2.66
C LEU B 38 -4.10 27.23 2.32
N TYR B 39 -5.20 26.47 2.25
CA TYR B 39 -5.15 25.03 2.08
C TYR B 39 -5.36 24.54 0.65
N THR B 40 -5.69 25.47 -0.25
CA THR B 40 -6.01 25.12 -1.64
C THR B 40 -5.19 25.89 -2.67
N LYS B 41 -4.50 26.94 -2.22
CA LYS B 41 -3.77 27.81 -3.13
C LYS B 41 -2.32 28.06 -2.68
N TYR B 42 -2.15 28.55 -1.45
CA TYR B 42 -0.81 28.85 -0.94
C TYR B 42 -0.07 27.58 -0.53
N PHE B 43 -0.81 26.63 0.04
CA PHE B 43 -0.30 25.31 0.34
C PHE B 43 -1.37 24.29 -0.03
N PRO B 44 -1.37 23.84 -1.31
CA PRO B 44 -2.44 22.99 -1.83
C PRO B 44 -2.34 21.58 -1.25
N VAL B 45 -2.91 21.41 -0.06
CA VAL B 45 -2.85 20.15 0.66
C VAL B 45 -4.23 19.51 0.80
N ALA B 46 -5.26 20.31 0.54
CA ALA B 46 -6.64 19.83 0.65
C ALA B 46 -7.26 19.66 -0.73
N ASP B 47 -7.75 18.46 -1.00
CA ASP B 47 -8.46 18.18 -2.24
C ASP B 47 -9.86 18.76 -2.19
N TYR B 48 -10.49 18.69 -1.01
CA TYR B 48 -11.81 19.29 -0.75
C TYR B 48 -11.72 20.30 0.39
N PHE B 49 -12.36 21.44 0.20
CA PHE B 49 -12.56 22.41 1.28
C PHE B 49 -14.04 22.67 1.49
N ILE B 50 -14.54 22.35 2.67
CA ILE B 50 -15.94 22.58 3.01
C ILE B 50 -16.07 23.75 3.97
N GLU B 51 -16.77 24.79 3.53
CA GLU B 51 -16.86 26.05 4.27
C GLU B 51 -17.87 26.03 5.42
N GLU B 52 -17.84 24.95 6.19
CA GLU B 52 -18.68 24.81 7.38
C GLU B 52 -17.82 24.39 8.58
N LYS B 53 -18.34 24.65 9.77
CA LYS B 53 -17.62 24.39 11.01
C LYS B 53 -17.56 22.90 11.33
N TYR B 54 -18.65 22.18 11.06
CA TYR B 54 -18.68 20.72 11.17
C TYR B 54 -19.75 20.11 10.25
N PRO B 55 -19.36 19.77 9.01
CA PRO B 55 -20.32 19.26 8.02
C PRO B 55 -20.47 17.74 8.07
N GLU B 56 -21.10 17.24 9.13
CA GLU B 56 -21.22 15.81 9.38
C GLU B 56 -21.75 15.00 8.20
N GLU B 57 -22.79 15.53 7.54
CA GLU B 57 -23.44 14.81 6.45
C GLU B 57 -22.48 14.61 5.28
N GLU B 58 -21.81 15.68 4.86
CA GLU B 58 -20.83 15.64 3.77
C GLU B 58 -19.65 14.71 4.06
N LEU B 59 -19.21 14.72 5.31
CA LEU B 59 -18.03 13.94 5.72
C LEU B 59 -18.29 12.44 5.71
N LEU B 60 -19.45 12.04 6.23
CA LEU B 60 -19.87 10.64 6.18
C LEU B 60 -20.04 10.18 4.74
N ASN B 61 -20.50 11.12 3.91
CA ASN B 61 -20.73 10.89 2.49
C ASN B 61 -19.41 10.66 1.75
N LEU B 62 -18.37 11.37 2.19
CA LEU B 62 -17.04 11.31 1.57
C LEU B 62 -16.14 10.24 2.20
N ASN B 63 -16.71 9.41 3.07
CA ASN B 63 -15.99 8.32 3.76
C ASN B 63 -14.81 8.80 4.59
N ALA B 64 -14.96 10.01 5.13
CA ALA B 64 -13.90 10.67 5.89
C ALA B 64 -13.68 10.03 7.25
N VAL B 65 -12.44 10.04 7.70
CA VAL B 65 -12.11 9.88 9.11
C VAL B 65 -11.48 11.19 9.56
N VAL B 66 -11.91 11.68 10.71
CA VAL B 66 -11.41 12.96 11.21
C VAL B 66 -10.18 12.73 12.08
N VAL B 67 -9.08 13.40 11.69
CA VAL B 67 -7.90 13.47 12.54
C VAL B 67 -8.03 14.75 13.36
N PRO B 68 -8.18 14.62 14.69
CA PRO B 68 -8.37 15.79 15.54
C PRO B 68 -7.18 16.74 15.51
N THR B 69 -7.45 17.94 15.01
CA THR B 69 -6.56 19.09 15.12
C THR B 69 -6.42 19.45 16.60
N GLY B 70 -5.33 20.13 16.96
CA GLY B 70 -5.08 20.51 18.36
C GLY B 70 -6.13 21.40 19.00
N SER B 71 -6.66 22.33 18.22
CA SER B 71 -7.69 23.26 18.70
C SER B 71 -9.09 22.82 18.28
N PHE B 72 -9.24 21.54 17.99
CA PHE B 72 -10.50 20.99 17.47
C PHE B 72 -11.65 21.06 18.48
N VAL B 73 -11.33 20.83 19.75
CA VAL B 73 -12.29 20.97 20.84
C VAL B 73 -12.69 22.44 21.02
N ALA B 74 -11.68 23.31 21.00
CA ALA B 74 -11.87 24.74 21.25
C ALA B 74 -12.79 25.45 20.26
N HIS B 75 -12.97 24.87 19.07
CA HIS B 75 -13.80 25.49 18.03
C HIS B 75 -15.20 24.87 17.90
N LEU B 76 -15.34 23.63 18.34
CA LEU B 76 -16.58 22.87 18.17
C LEU B 76 -17.28 22.53 19.48
N GLY B 77 -16.55 22.66 20.60
CA GLY B 77 -17.08 22.30 21.90
C GLY B 77 -16.97 20.81 22.17
N ILE B 78 -16.62 20.47 23.40
CA ILE B 78 -16.40 19.08 23.81
C ILE B 78 -17.63 18.16 23.65
N GLU B 79 -18.81 18.77 23.67
CA GLU B 79 -20.08 18.03 23.60
C GLU B 79 -20.34 17.47 22.21
N LEU B 80 -20.16 18.33 21.19
CA LEU B 80 -20.35 17.95 19.79
C LEU B 80 -19.35 16.87 19.34
N VAL B 81 -18.12 16.98 19.83
CA VAL B 81 -17.05 16.04 19.46
C VAL B 81 -17.34 14.64 20.00
N GLU B 82 -17.80 14.57 21.24
CA GLU B 82 -18.14 13.28 21.87
C GLU B 82 -19.28 12.54 21.16
N ASN B 83 -20.13 13.29 20.45
CA ASN B 83 -21.30 12.72 19.79
C ASN B 83 -21.20 12.66 18.26
N MET B 84 -19.99 12.83 17.74
CA MET B 84 -19.71 12.69 16.31
C MET B 84 -20.11 11.32 15.80
N LYS B 85 -20.79 11.29 14.65
CA LYS B 85 -20.99 10.05 13.92
C LYS B 85 -19.83 9.77 12.95
N VAL B 86 -19.21 10.85 12.46
CA VAL B 86 -18.00 10.75 11.64
C VAL B 86 -16.88 10.15 12.48
N PRO B 87 -16.27 9.05 12.01
CA PRO B 87 -15.21 8.37 12.78
C PRO B 87 -14.07 9.31 13.17
N TYR B 88 -13.50 9.05 14.34
CA TYR B 88 -12.54 9.94 14.98
C TYR B 88 -11.27 9.16 15.30
N PHE B 89 -10.13 9.66 14.82
CA PHE B 89 -8.84 9.00 15.09
C PHE B 89 -8.34 9.32 16.50
N GLY B 90 -8.16 8.29 17.31
CA GLY B 90 -7.84 8.45 18.72
C GLY B 90 -9.02 8.06 19.61
N ASN B 91 -8.82 8.19 20.92
CA ASN B 91 -9.85 7.87 21.90
C ASN B 91 -10.61 9.12 22.33
N LYS B 92 -11.90 9.17 22.01
CA LYS B 92 -12.76 10.31 22.37
C LYS B 92 -12.86 10.49 23.89
N ARG B 93 -12.77 9.37 24.62
CA ARG B 93 -12.87 9.38 26.08
C ARG B 93 -11.76 10.18 26.78
N VAL B 94 -10.63 10.40 26.09
CA VAL B 94 -9.51 11.13 26.69
C VAL B 94 -9.76 12.63 26.76
N LEU B 95 -10.76 13.11 26.01
CA LEU B 95 -11.03 14.54 25.91
C LEU B 95 -11.34 15.20 27.25
N ARG B 96 -12.15 14.54 28.07
CA ARG B 96 -12.49 15.07 29.40
C ARG B 96 -11.33 14.93 30.38
N TRP B 97 -10.60 13.83 30.28
CA TRP B 97 -9.45 13.57 31.14
C TRP B 97 -8.30 14.56 30.97
N GLU B 98 -8.24 15.23 29.82
CA GLU B 98 -7.22 16.24 29.55
C GLU B 98 -7.75 17.67 29.76
N SER B 99 -9.08 17.80 29.86
CA SER B 99 -9.73 19.11 30.04
C SER B 99 -9.94 19.44 31.51
N ASP B 100 -10.64 18.55 32.22
CA ASP B 100 -10.88 18.68 33.65
C ASP B 100 -9.57 18.59 34.42
N ARG B 101 -9.28 19.63 35.21
CA ARG B 101 -8.03 19.72 35.97
C ARG B 101 -7.85 18.58 36.97
N ASN B 102 -8.96 18.17 37.60
CA ASN B 102 -8.91 17.13 38.61
C ASN B 102 -8.62 15.76 38.02
N LEU B 103 -9.27 15.45 36.90
CA LEU B 103 -9.01 14.21 36.15
C LEU B 103 -7.58 14.19 35.61
N GLU B 104 -7.13 15.34 35.12
CA GLU B 104 -5.75 15.52 34.63
C GLU B 104 -4.74 15.27 35.75
N ARG B 105 -5.04 15.81 36.93
CA ARG B 105 -4.24 15.63 38.12
C ARG B 105 -4.13 14.15 38.49
N LYS B 106 -5.26 13.45 38.39
CA LYS B 106 -5.36 12.02 38.72
C LYS B 106 -4.60 11.15 37.71
N TRP B 107 -4.76 11.46 36.42
CA TRP B 107 -4.04 10.80 35.34
C TRP B 107 -2.54 10.85 35.59
N LEU B 108 -2.03 12.07 35.76
CA LEU B 108 -0.59 12.29 35.94
C LEU B 108 -0.03 11.61 37.18
N LYS B 109 -0.81 11.60 38.26
CA LYS B 109 -0.40 10.98 39.53
C LYS B 109 -0.29 9.46 39.40
N LYS B 110 -1.27 8.83 38.75
CA LYS B 110 -1.21 7.40 38.48
C LYS B 110 -0.04 7.04 37.57
N ALA B 111 0.23 7.91 36.59
CA ALA B 111 1.37 7.74 35.68
C ALA B 111 2.70 8.03 36.38
N GLY B 112 2.65 8.46 37.63
CA GLY B 112 3.84 8.74 38.43
C GLY B 112 4.67 9.88 37.85
N ILE B 113 3.98 10.90 37.34
CA ILE B 113 4.63 12.04 36.70
C ILE B 113 4.84 13.18 37.70
N ARG B 114 6.07 13.66 37.78
CA ARG B 114 6.42 14.80 38.61
C ARG B 114 5.67 16.06 38.19
N VAL B 115 4.90 16.60 39.14
CA VAL B 115 4.08 17.80 38.91
C VAL B 115 4.33 18.83 40.03
N PRO B 116 3.91 20.10 39.82
CA PRO B 116 4.00 21.07 40.91
C PRO B 116 3.09 20.68 42.07
N GLU B 117 3.66 20.67 43.28
CA GLU B 117 2.93 20.30 44.49
C GLU B 117 1.81 21.30 44.78
N VAL B 118 0.61 20.77 45.04
CA VAL B 118 -0.52 21.59 45.44
C VAL B 118 -0.50 21.79 46.95
N TYR B 119 -0.70 23.03 47.38
CA TYR B 119 -0.79 23.36 48.80
C TYR B 119 -2.23 23.66 49.21
N GLU B 120 -2.79 22.77 50.02
CA GLU B 120 -4.15 22.93 50.57
C GLU B 120 -4.15 23.95 51.69
N ASP B 121 -3.19 23.82 52.60
CA ASP B 121 -3.05 24.69 53.77
C ASP B 121 -1.91 25.69 53.56
N PRO B 122 -2.24 27.00 53.49
CA PRO B 122 -1.26 28.09 53.39
C PRO B 122 -0.23 28.11 54.53
N ASP B 123 -0.47 27.32 55.57
CA ASP B 123 0.48 27.18 56.68
C ASP B 123 1.56 26.11 56.41
N ASP B 124 1.36 25.32 55.36
CA ASP B 124 2.32 24.28 54.97
C ASP B 124 3.39 24.77 53.99
N ILE B 125 3.36 26.07 53.71
CA ILE B 125 4.33 26.69 52.80
C ILE B 125 5.72 26.79 53.44
N GLU B 126 6.68 26.08 52.87
CA GLU B 126 8.10 26.22 53.25
C GLU B 126 8.96 26.48 52.01
N LYS B 127 8.30 26.55 50.86
CA LYS B 127 8.94 26.74 49.56
C LYS B 127 8.20 27.85 48.82
N PRO B 128 8.90 28.63 47.98
CA PRO B 128 8.21 29.67 47.21
C PRO B 128 7.07 29.09 46.37
N VAL B 129 5.94 29.79 46.36
CA VAL B 129 4.74 29.30 45.68
C VAL B 129 4.13 30.33 44.73
N ILE B 130 3.37 29.84 43.75
CA ILE B 130 2.60 30.69 42.85
C ILE B 130 1.12 30.50 43.16
N VAL B 131 0.32 31.52 42.90
CA VAL B 131 -1.12 31.47 43.18
C VAL B 131 -1.96 32.05 42.04
N LYS B 132 -2.96 31.29 41.61
CA LYS B 132 -3.85 31.64 40.51
C LYS B 132 -5.28 31.77 41.02
N PRO B 133 -6.01 32.83 40.60
CA PRO B 133 -7.40 33.03 41.02
C PRO B 133 -8.36 31.95 40.52
N LYS B 140 -3.92 37.09 34.23
CA LYS B 140 -4.15 38.09 35.26
C LYS B 140 -4.20 37.48 36.67
N GLY B 141 -3.74 38.25 37.66
CA GLY B 141 -3.81 37.86 39.06
C GLY B 141 -2.79 36.82 39.51
N TYR B 142 -1.71 36.68 38.73
CA TYR B 142 -0.63 35.76 39.07
C TYR B 142 0.41 36.46 39.93
N PHE B 143 0.65 35.94 41.14
CA PHE B 143 1.69 36.49 42.03
C PHE B 143 2.38 35.42 42.89
N LEU B 144 3.47 35.81 43.54
CA LEU B 144 4.32 34.87 44.29
C LEU B 144 4.45 35.20 45.78
N ALA B 145 4.63 34.17 46.58
CA ALA B 145 4.84 34.28 48.03
C ALA B 145 5.82 33.20 48.52
N LYS B 146 6.69 33.56 49.47
CA LYS B 146 7.76 32.65 49.90
C LYS B 146 7.53 31.97 51.26
N ASP B 147 6.59 32.51 52.03
CA ASP B 147 6.29 31.99 53.38
C ASP B 147 4.80 32.19 53.74
N PRO B 148 4.32 31.49 54.79
CA PRO B 148 2.92 31.62 55.21
C PRO B 148 2.47 33.08 55.42
N GLU B 149 3.29 33.88 56.09
CA GLU B 149 2.96 35.28 56.39
C GLU B 149 2.86 36.13 55.13
N ASP B 150 3.79 35.91 54.20
CA ASP B 150 3.88 36.67 52.95
C ASP B 150 2.65 36.46 52.05
N PHE B 151 2.08 35.26 52.12
CA PHE B 151 0.90 34.90 51.35
C PHE B 151 -0.32 35.73 51.74
N TRP B 152 -0.55 35.87 53.05
CA TRP B 152 -1.71 36.59 53.57
C TRP B 152 -1.65 38.09 53.28
N ARG B 153 -0.45 38.67 53.34
CA ARG B 153 -0.25 40.10 53.12
C ARG B 153 -0.56 40.51 51.68
N LYS B 154 -0.35 39.59 50.75
CA LYS B 154 -0.56 39.87 49.32
C LYS B 154 -1.99 39.54 48.86
N ALA B 155 -2.64 38.59 49.52
CA ALA B 155 -4.06 38.32 49.35
C ALA B 155 -4.89 39.43 50.00
N GLU B 156 -4.25 40.16 50.91
CA GLU B 156 -4.77 41.39 51.49
C GLU B 156 -4.67 42.50 50.44
N LYS B 157 -3.45 42.69 49.94
CA LYS B 157 -3.14 43.78 48.99
C LYS B 157 -3.81 43.60 47.62
N PHE B 158 -3.44 42.54 46.90
CA PHE B 158 -3.91 42.33 45.52
C PHE B 158 -5.31 41.72 45.42
N LEU B 159 -5.84 41.23 46.54
CA LEU B 159 -7.15 40.58 46.56
C LEU B 159 -7.95 40.99 47.80
N ILE B 170 -9.34 29.49 42.71
CA ILE B 170 -8.17 29.83 43.50
C ILE B 170 -7.36 28.59 43.91
N GLN B 171 -6.05 28.65 43.68
CA GLN B 171 -5.16 27.49 43.84
C GLN B 171 -3.74 27.92 44.26
N ILE B 172 -3.13 27.12 45.13
CA ILE B 172 -1.76 27.37 45.60
C ILE B 172 -0.79 26.29 45.10
N GLN B 173 0.07 26.68 44.15
CA GLN B 173 0.99 25.74 43.52
C GLN B 173 2.44 26.05 43.86
N GLU B 174 3.23 24.99 44.07
CA GLU B 174 4.68 25.10 44.16
C GLU B 174 5.21 25.79 42.90
N TYR B 175 6.04 26.81 43.09
CA TYR B 175 6.63 27.53 41.98
C TYR B 175 7.86 26.78 41.47
N VAL B 176 7.74 26.20 40.29
CA VAL B 176 8.84 25.45 39.68
C VAL B 176 9.52 26.32 38.62
N LEU B 177 10.82 26.53 38.79
CA LEU B 177 11.59 27.35 37.84
C LEU B 177 12.43 26.49 36.90
N GLY B 178 12.14 26.61 35.61
CA GLY B 178 12.87 25.88 34.59
C GLY B 178 12.60 26.36 33.18
N VAL B 179 13.38 25.86 32.23
CA VAL B 179 13.21 26.19 30.82
C VAL B 179 12.08 25.35 30.20
N PRO B 180 11.17 26.01 29.45
CA PRO B 180 10.06 25.29 28.81
C PRO B 180 10.54 24.27 27.78
N VAL B 181 9.99 23.06 27.85
CA VAL B 181 10.34 21.94 26.99
C VAL B 181 9.08 21.14 26.67
N TYR B 182 8.88 20.81 25.39
CA TYR B 182 7.67 20.15 24.93
C TYR B 182 7.96 18.90 24.07
N PRO B 183 8.07 17.73 24.71
CA PRO B 183 8.27 16.50 23.95
C PRO B 183 6.99 16.06 23.23
N HIS B 184 7.11 15.78 21.94
CA HIS B 184 5.98 15.30 21.14
C HIS B 184 6.10 13.79 20.94
N TYR B 185 5.05 13.07 21.33
CA TYR B 185 5.05 11.63 21.31
C TYR B 185 4.09 11.12 20.26
N PHE B 186 4.26 9.85 19.90
CA PHE B 186 3.24 9.13 19.15
C PHE B 186 3.17 7.71 19.67
N TYR B 187 1.96 7.29 20.05
CA TYR B 187 1.74 5.90 20.43
C TYR B 187 0.95 5.17 19.35
N SER B 188 1.51 4.06 18.89
CA SER B 188 0.91 3.28 17.83
C SER B 188 0.15 2.11 18.43
N LYS B 189 -1.17 2.11 18.23
CA LYS B 189 -1.98 0.98 18.68
C LYS B 189 -1.80 -0.23 17.77
N VAL B 190 -1.54 0.01 16.49
CA VAL B 190 -1.28 -1.06 15.53
C VAL B 190 -0.02 -1.83 15.91
N ARG B 191 1.00 -1.12 16.35
CA ARG B 191 2.30 -1.72 16.67
C ARG B 191 2.54 -1.91 18.16
N GLU B 192 1.66 -1.35 19.00
CA GLU B 192 1.81 -1.31 20.47
C GLU B 192 3.19 -0.76 20.85
N GLU B 193 3.44 0.48 20.45
CA GLU B 193 4.79 1.02 20.40
C GLU B 193 4.75 2.53 20.57
N LEU B 194 5.61 3.05 21.44
CA LEU B 194 5.72 4.50 21.63
C LEU B 194 6.92 5.06 20.87
N GLU B 195 6.73 6.24 20.29
CA GLU B 195 7.78 6.97 19.59
C GLU B 195 7.93 8.37 20.17
N LEU B 196 9.17 8.86 20.21
CA LEU B 196 9.43 10.27 20.43
C LEU B 196 9.57 10.93 19.06
N MET B 197 8.57 11.72 18.70
CA MET B 197 8.51 12.30 17.35
C MET B 197 9.42 13.50 17.16
N SER B 198 9.47 14.37 18.18
CA SER B 198 10.17 15.64 18.10
C SER B 198 10.02 16.41 19.41
N ILE B 199 10.75 17.52 19.53
CA ILE B 199 10.67 18.39 20.69
C ILE B 199 10.71 19.85 20.22
N ASP B 200 9.86 20.69 20.80
CA ASP B 200 9.93 22.12 20.54
C ASP B 200 9.96 22.98 21.81
N ARG B 201 10.24 24.26 21.62
CA ARG B 201 10.09 25.29 22.63
C ARG B 201 9.02 26.25 22.10
N ARG B 202 7.88 26.29 22.77
CA ARG B 202 6.77 27.15 22.34
C ARG B 202 7.12 28.63 22.51
N TYR B 203 6.65 29.44 21.57
CA TYR B 203 6.98 30.85 21.46
C TYR B 203 5.73 31.63 21.84
N GLU B 204 5.85 32.47 22.86
CA GLU B 204 4.69 33.07 23.50
C GLU B 204 4.83 34.56 23.78
N SER B 205 3.76 35.31 23.51
CA SER B 205 3.71 36.74 23.74
C SER B 205 2.75 37.06 24.89
N ASN B 206 3.12 37.95 25.81
CA ASN B 206 4.35 38.76 25.72
C ASN B 206 5.54 38.25 26.53
N VAL B 207 5.38 37.08 27.15
CA VAL B 207 6.40 36.54 28.04
C VAL B 207 7.81 36.45 27.42
N ASP B 208 7.90 36.04 26.15
CA ASP B 208 9.21 35.92 25.49
C ASP B 208 9.75 37.24 24.95
N ALA B 209 8.99 38.32 25.13
CA ALA B 209 9.43 39.65 24.71
C ALA B 209 10.04 40.48 25.84
N ILE B 210 9.70 40.12 27.08
CA ILE B 210 10.11 40.92 28.24
C ILE B 210 11.59 40.81 28.57
N GLY B 211 12.20 39.66 28.28
CA GLY B 211 13.63 39.45 28.46
C GLY B 211 14.48 40.38 27.62
N ARG B 212 13.85 40.98 26.60
CA ARG B 212 14.50 41.98 25.74
C ARG B 212 14.43 43.39 26.34
N ILE B 213 13.62 43.55 27.38
CA ILE B 213 13.46 44.84 28.05
C ILE B 213 14.37 44.91 29.28
N PRO B 214 15.21 45.96 29.38
CA PRO B 214 16.10 46.13 30.53
C PRO B 214 15.31 46.27 31.84
N ALA B 215 15.87 45.79 32.93
CA ALA B 215 15.20 45.83 34.25
C ALA B 215 14.70 47.24 34.61
N LYS B 216 15.54 48.24 34.34
CA LYS B 216 15.18 49.64 34.58
C LYS B 216 13.82 50.00 33.97
N ASP B 217 13.68 49.79 32.66
CA ASP B 217 12.45 50.10 31.93
C ASP B 217 11.25 49.30 32.43
N GLN B 218 11.51 48.09 32.91
CA GLN B 218 10.43 47.19 33.37
C GLN B 218 9.77 47.69 34.65
N LEU B 219 10.57 48.24 35.55
CA LEU B 219 10.10 48.64 36.89
C LEU B 219 9.19 49.86 36.87
N GLU B 220 9.36 50.70 35.84
CA GLU B 220 8.55 51.92 35.68
C GLU B 220 7.11 51.65 35.24
N PHE B 221 6.80 50.41 34.89
CA PHE B 221 5.49 50.08 34.32
C PHE B 221 4.83 48.87 34.97
N ASP B 222 3.51 48.92 35.07
CA ASP B 222 2.70 47.78 35.48
C ASP B 222 2.40 46.93 34.26
N MET B 223 3.42 46.21 33.78
CA MET B 223 3.29 45.37 32.59
C MET B 223 2.51 44.09 32.88
N ASP B 224 1.50 43.84 32.05
CA ASP B 224 0.66 42.66 32.18
C ASP B 224 1.28 41.49 31.42
N ILE B 225 1.77 40.50 32.16
CA ILE B 225 2.40 39.33 31.55
C ILE B 225 1.36 38.38 30.95
N THR B 226 1.56 38.05 29.67
CA THR B 226 0.65 37.18 28.93
C THR B 226 1.40 36.01 28.29
N TYR B 227 0.66 34.95 27.99
CA TYR B 227 1.23 33.72 27.44
C TYR B 227 0.50 33.26 26.18
N THR B 228 0.14 34.21 25.32
CA THR B 228 -0.51 33.92 24.05
C THR B 228 0.45 33.17 23.13
N VAL B 229 -0.01 32.01 22.63
CA VAL B 229 0.79 31.17 21.74
C VAL B 229 0.92 31.85 20.37
N ILE B 230 2.16 32.07 19.95
CA ILE B 230 2.47 32.73 18.68
C ILE B 230 3.12 31.75 17.68
N GLY B 231 4.09 30.99 18.16
CA GLY B 231 4.87 30.12 17.29
C GLY B 231 5.58 29.00 18.02
N ASN B 232 6.55 28.41 17.32
CA ASN B 232 7.30 27.27 17.85
C ASN B 232 8.74 27.28 17.35
N ILE B 233 9.66 26.91 18.23
CA ILE B 233 11.09 26.90 17.96
C ILE B 233 11.58 25.47 18.14
N PRO B 234 12.34 24.95 17.16
CA PRO B 234 12.80 23.57 17.29
C PRO B 234 13.91 23.45 18.33
N ILE B 235 13.88 22.38 19.12
CA ILE B 235 14.99 22.07 20.02
C ILE B 235 15.25 20.57 20.01
N VAL B 236 16.43 20.19 20.50
CA VAL B 236 16.70 18.81 20.88
C VAL B 236 17.09 18.81 22.37
N LEU B 237 16.88 17.68 23.03
CA LEU B 237 17.32 17.53 24.40
C LEU B 237 18.74 16.98 24.50
N ARG B 238 19.35 17.21 25.66
CA ARG B 238 20.54 16.51 26.08
C ARG B 238 20.21 15.02 26.12
N GLU B 239 21.06 14.21 25.47
CA GLU B 239 20.78 12.79 25.27
C GLU B 239 20.37 12.04 26.53
N SER B 240 21.08 12.29 27.63
CA SER B 240 20.85 11.56 28.89
C SER B 240 19.50 11.86 29.58
N LEU B 241 18.76 12.84 29.05
CA LEU B 241 17.43 13.17 29.57
C LEU B 241 16.31 12.46 28.80
N LEU B 242 16.63 11.88 27.65
CA LEU B 242 15.62 11.30 26.77
C LEU B 242 14.92 10.10 27.38
N MET B 243 15.68 9.23 28.04
CA MET B 243 15.13 8.01 28.61
C MET B 243 14.04 8.28 29.65
N ASP B 244 14.24 9.32 30.45
CA ASP B 244 13.24 9.70 31.46
C ASP B 244 12.03 10.37 30.83
N VAL B 245 12.25 11.11 29.75
CA VAL B 245 11.17 11.74 28.99
C VAL B 245 10.29 10.67 28.33
N ILE B 246 10.95 9.64 27.79
CA ILE B 246 10.25 8.55 27.10
C ILE B 246 9.49 7.64 28.08
N GLU B 247 10.13 7.25 29.18
CA GLU B 247 9.47 6.47 30.24
C GLU B 247 8.22 7.17 30.78
N ALA B 248 8.32 8.49 30.94
CA ALA B 248 7.17 9.32 31.33
C ALA B 248 6.00 9.16 30.35
N GLY B 249 6.33 9.09 29.06
CA GLY B 249 5.34 8.88 28.01
C GLY B 249 4.72 7.49 28.10
N GLU B 250 5.55 6.47 28.32
CA GLU B 250 5.08 5.10 28.48
C GLU B 250 4.09 4.97 29.63
N ARG B 251 4.42 5.58 30.76
CA ARG B 251 3.57 5.53 31.96
C ARG B 251 2.25 6.25 31.73
N VAL B 252 2.30 7.40 31.05
CA VAL B 252 1.09 8.13 30.68
C VAL B 252 0.14 7.25 29.84
N VAL B 253 0.70 6.47 28.93
CA VAL B 253 -0.08 5.60 28.05
C VAL B 253 -0.67 4.41 28.81
N LYS B 254 0.19 3.72 29.57
CA LYS B 254 -0.21 2.55 30.36
C LYS B 254 -1.30 2.88 31.38
N ALA B 255 -1.21 4.05 32.00
CA ALA B 255 -2.20 4.52 32.97
C ALA B 255 -3.54 4.82 32.30
N ALA B 256 -3.49 5.32 31.08
CA ALA B 256 -4.70 5.65 30.31
C ALA B 256 -5.47 4.39 29.90
N GLU B 257 -4.77 3.27 29.81
CA GLU B 257 -5.40 1.99 29.49
C GLU B 257 -6.35 1.53 30.59
N GLU B 258 -5.97 1.81 31.84
CA GLU B 258 -6.78 1.46 33.00
C GLU B 258 -7.90 2.48 33.25
N LEU B 259 -7.60 3.75 33.01
CA LEU B 259 -8.52 4.83 33.35
C LEU B 259 -9.58 5.16 32.30
N MET B 260 -9.19 5.21 31.03
CA MET B 260 -10.05 5.77 29.99
C MET B 260 -10.15 4.94 28.70
N GLY B 261 -9.64 3.71 28.74
CA GLY B 261 -9.68 2.82 27.57
C GLY B 261 -8.58 3.13 26.57
N GLY B 262 -7.39 3.46 27.10
CA GLY B 262 -6.20 3.65 26.29
C GLY B 262 -6.01 5.06 25.74
N LEU B 263 -4.75 5.39 25.46
CA LEU B 263 -4.38 6.57 24.69
C LEU B 263 -3.50 6.15 23.52
N TRP B 264 -3.90 6.53 22.32
CA TRP B 264 -3.09 6.29 21.13
C TRP B 264 -3.02 7.52 20.23
N GLY B 265 -2.04 7.54 19.33
CA GLY B 265 -1.86 8.68 18.46
C GLY B 265 -0.88 9.68 19.06
N PRO B 266 -0.98 10.95 18.62
CA PRO B 266 -0.05 11.97 19.11
C PRO B 266 -0.46 12.54 20.47
N PHE B 267 0.53 12.78 21.32
CA PHE B 267 0.34 13.55 22.55
C PHE B 267 1.60 14.29 22.98
N CYS B 268 1.44 15.20 23.94
CA CYS B 268 2.53 16.02 24.44
C CYS B 268 2.46 16.19 25.96
N LEU B 269 3.61 16.19 26.61
CA LEU B 269 3.71 16.58 28.00
C LEU B 269 4.33 17.96 28.07
N GLU B 270 3.54 18.96 28.48
CA GLU B 270 4.01 20.33 28.56
C GLU B 270 4.62 20.61 29.93
N GLY B 271 5.86 21.10 29.95
CA GLY B 271 6.56 21.32 31.20
C GLY B 271 7.84 22.12 31.13
N VAL B 272 8.68 21.94 32.15
CA VAL B 272 9.96 22.64 32.26
C VAL B 272 11.05 21.71 32.76
N PHE B 273 12.30 22.02 32.45
CA PHE B 273 13.44 21.30 33.01
C PHE B 273 14.16 22.17 34.02
N THR B 274 14.25 21.68 35.26
CA THR B 274 14.91 22.41 36.35
C THR B 274 16.42 22.23 36.26
N PRO B 275 17.19 23.08 36.97
CA PRO B 275 18.66 22.95 37.02
C PRO B 275 19.13 21.61 37.59
N ASP B 276 18.24 20.88 38.25
CA ASP B 276 18.56 19.56 38.80
C ASP B 276 18.28 18.42 37.81
N LEU B 277 18.10 18.77 36.55
CA LEU B 277 17.83 17.82 35.46
C LEU B 277 16.50 17.08 35.66
N GLU B 278 15.54 17.77 36.27
CA GLU B 278 14.25 17.18 36.59
C GLU B 278 13.18 17.77 35.66
N PHE B 279 12.27 16.91 35.20
CA PHE B 279 11.24 17.29 34.25
C PHE B 279 9.88 17.35 34.92
N VAL B 280 9.37 18.58 35.08
CA VAL B 280 8.12 18.83 35.79
C VAL B 280 7.04 19.24 34.80
N VAL B 281 5.94 18.49 34.79
CA VAL B 281 4.87 18.66 33.81
C VAL B 281 3.72 19.50 34.36
N PHE B 282 3.36 20.56 33.63
CA PHE B 282 2.22 21.42 34.00
C PHE B 282 0.92 20.90 33.41
N GLU B 283 0.96 20.49 32.14
CA GLU B 283 -0.23 20.01 31.45
C GLU B 283 0.09 18.83 30.54
N ILE B 284 -0.91 17.98 30.34
CA ILE B 284 -0.87 16.96 29.32
C ILE B 284 -1.80 17.38 28.17
N SER B 285 -1.29 17.35 26.95
CA SER B 285 -2.12 17.56 25.76
C SER B 285 -2.21 16.24 25.01
N ALA B 286 -3.33 15.55 25.17
CA ALA B 286 -3.54 14.23 24.55
C ALA B 286 -4.00 14.38 23.11
N ARG B 287 -3.21 15.12 22.34
CA ARG B 287 -3.55 15.52 20.98
C ARG B 287 -2.28 15.95 20.26
N ILE B 288 -2.41 16.27 18.97
CA ILE B 288 -1.30 16.86 18.22
C ILE B 288 -1.10 18.31 18.68
N VAL B 289 0.16 18.70 18.90
CA VAL B 289 0.44 20.10 19.27
C VAL B 289 1.18 20.84 18.16
N ALA B 290 1.07 22.16 18.16
CA ALA B 290 1.57 22.99 17.07
C ALA B 290 3.08 22.92 16.88
N GLY B 291 3.78 22.40 17.88
CA GLY B 291 5.23 22.26 17.81
C GLY B 291 5.66 21.25 16.75
N THR B 292 4.76 20.33 16.42
CA THR B 292 5.02 19.32 15.40
C THR B 292 5.05 19.95 14.00
N ASN B 293 4.50 21.15 13.88
CA ASN B 293 4.46 21.89 12.61
C ASN B 293 5.83 22.26 12.07
N ILE B 294 6.84 22.26 12.93
CA ILE B 294 8.20 22.58 12.48
C ILE B 294 8.74 21.44 11.60
N PHE B 295 8.27 20.23 11.87
CA PHE B 295 8.93 19.04 11.38
C PHE B 295 8.20 18.34 10.23
N VAL B 296 7.73 19.13 9.26
CA VAL B 296 7.16 18.61 8.02
C VAL B 296 8.16 17.70 7.31
N ASN B 297 9.42 18.13 7.29
CA ASN B 297 10.52 17.35 6.72
C ASN B 297 11.25 16.51 7.76
N GLY B 298 10.49 15.97 8.72
CA GLY B 298 11.07 15.16 9.78
C GLY B 298 11.74 15.95 10.87
N SER B 299 12.22 15.25 11.89
CA SER B 299 12.87 15.86 13.04
C SER B 299 14.23 15.25 13.24
N PRO B 300 15.07 15.89 14.09
CA PRO B 300 16.34 15.26 14.46
C PRO B 300 16.15 13.89 15.10
N TYR B 301 14.94 13.60 15.55
CA TYR B 301 14.65 12.32 16.17
C TYR B 301 14.11 11.27 15.18
N THR B 302 13.24 11.68 14.27
CA THR B 302 12.71 10.75 13.26
C THR B 302 13.78 10.30 12.27
N TRP B 303 14.68 11.21 11.92
CA TRP B 303 15.79 10.88 11.03
C TRP B 303 16.81 9.92 11.65
N LEU B 304 16.64 9.59 12.94
CA LEU B 304 17.47 8.58 13.59
C LEU B 304 16.94 7.16 13.33
N ARG B 305 15.65 7.05 12.96
CA ARG B 305 15.02 5.75 12.80
C ARG B 305 14.20 5.55 11.53
N TYR B 306 14.11 6.59 10.70
CA TYR B 306 13.42 6.49 9.41
C TYR B 306 14.35 6.92 8.28
N ASP B 307 14.06 6.42 7.07
CA ASP B 307 14.85 6.77 5.88
C ASP B 307 14.18 7.86 5.04
N ARG B 308 13.06 8.38 5.54
CA ARG B 308 12.30 9.41 4.85
C ARG B 308 11.80 10.44 5.86
N PRO B 309 11.33 11.62 5.38
CA PRO B 309 10.79 12.63 6.31
C PRO B 309 9.47 12.19 6.94
N VAL B 310 9.43 12.12 8.27
CA VAL B 310 8.20 11.75 8.98
C VAL B 310 7.80 12.80 10.00
N SER B 311 6.78 13.57 9.67
CA SER B 311 6.12 14.47 10.61
C SER B 311 5.14 13.67 11.45
N THR B 312 4.57 14.31 12.47
CA THR B 312 3.52 13.69 13.27
C THR B 312 2.28 13.47 12.40
N GLY B 313 1.96 14.45 11.56
CA GLY B 313 0.89 14.33 10.59
C GLY B 313 1.07 13.11 9.71
N ARG B 314 2.27 12.93 9.16
CA ARG B 314 2.55 11.76 8.33
C ARG B 314 2.43 10.46 9.10
N ARG B 315 2.98 10.44 10.31
CA ARG B 315 2.92 9.27 11.18
C ARG B 315 1.48 8.83 11.46
N ILE B 316 0.59 9.80 11.69
CA ILE B 316 -0.84 9.53 11.85
C ILE B 316 -1.37 8.80 10.60
N ALA B 317 -1.14 9.40 9.43
CA ALA B 317 -1.53 8.81 8.16
C ALA B 317 -0.96 7.39 7.96
N MET B 318 0.32 7.22 8.30
CA MET B 318 0.97 5.90 8.27
C MET B 318 0.23 4.87 9.13
N GLU B 319 -0.18 5.29 10.33
CA GLU B 319 -0.93 4.44 11.26
C GLU B 319 -2.26 4.05 10.64
N ILE B 320 -2.97 5.03 10.10
CA ILE B 320 -4.25 4.78 9.44
C ILE B 320 -4.08 3.82 8.26
N ARG B 321 -3.08 4.07 7.43
N ARG B 321 -3.08 4.08 7.42
CA ARG B 321 -2.76 3.18 6.31
CA ARG B 321 -2.73 3.20 6.32
C ARG B 321 -2.48 1.76 6.82
C ARG B 321 -2.47 1.77 6.81
N GLU B 322 -1.60 1.65 7.80
CA GLU B 322 -1.23 0.34 8.35
C GLU B 322 -2.42 -0.38 9.00
N ALA B 323 -3.35 0.39 9.57
CA ALA B 323 -4.57 -0.19 10.15
C ALA B 323 -5.47 -0.75 9.06
N ILE B 324 -5.61 -0.01 7.96
CA ILE B 324 -6.36 -0.46 6.79
C ILE B 324 -5.73 -1.71 6.19
N GLU B 325 -4.41 -1.68 6.00
CA GLU B 325 -3.66 -2.80 5.43
C GLU B 325 -3.81 -4.09 6.24
N ASN B 326 -3.94 -3.95 7.55
CA ASN B 326 -4.03 -5.10 8.44
C ASN B 326 -5.45 -5.40 8.91
N ASP B 327 -6.42 -4.76 8.25
CA ASP B 327 -7.84 -4.91 8.59
C ASP B 327 -8.10 -4.73 10.10
N MET B 328 -7.69 -3.58 10.61
CA MET B 328 -7.89 -3.24 12.01
C MET B 328 -8.10 -1.74 12.17
N LEU B 329 -8.76 -1.14 11.19
CA LEU B 329 -9.10 0.27 11.21
C LEU B 329 -9.95 0.61 12.45
N GLU B 330 -10.86 -0.30 12.81
CA GLU B 330 -11.79 -0.09 13.93
C GLU B 330 -11.11 0.12 15.30
N LYS B 331 -9.91 -0.43 15.46
CA LYS B 331 -9.17 -0.36 16.71
C LYS B 331 -8.53 1.01 17.00
N VAL B 332 -8.47 1.87 15.99
CA VAL B 332 -7.84 3.19 16.14
C VAL B 332 -8.84 4.33 16.00
N LEU B 333 -10.09 3.96 15.71
CA LEU B 333 -11.16 4.94 15.62
C LEU B 333 -12.17 4.76 16.75
N THR B 334 -12.75 5.87 17.19
CA THR B 334 -13.87 5.85 18.14
C THR B 334 -14.99 6.78 17.66
P PO4 C . 7.95 -25.53 -15.65
O1 PO4 C . 9.39 -25.12 -15.91
O2 PO4 C . 7.06 -24.68 -16.51
O3 PO4 C . 7.75 -26.99 -16.00
O4 PO4 C . 7.60 -25.33 -14.20
P PO4 D . 5.17 -20.04 -20.88
O1 PO4 D . 5.36 -19.39 -22.22
O2 PO4 D . 4.10 -21.10 -20.97
O3 PO4 D . 6.47 -20.70 -20.47
O4 PO4 D . 4.73 -19.00 -19.86
NA NA E . -3.87 -22.02 -23.90
PG ATP F . 0.90 -29.37 -27.38
O1G ATP F . -0.09 -29.00 -28.46
O2G ATP F . 1.08 -30.86 -27.20
O3G ATP F . 0.74 -28.60 -26.09
PB ATP F . 2.54 -27.51 -28.74
O1B ATP F . 4.03 -27.36 -28.99
O2B ATP F . 1.77 -26.43 -28.01
O3B ATP F . 2.34 -28.90 -27.95
PA ATP F . 1.42 -26.65 -31.17
O1A ATP F . 0.55 -25.65 -30.46
O2A ATP F . 0.92 -27.28 -32.45
O3A ATP F . 1.83 -27.83 -30.15
O5' ATP F . 2.85 -25.97 -31.40
C5' ATP F . 3.75 -26.35 -32.43
C4' ATP F . 4.40 -25.09 -32.98
O4' ATP F . 4.15 -24.98 -34.37
C3' ATP F . 3.86 -23.81 -32.35
O3' ATP F . 4.66 -23.38 -31.25
C2' ATP F . 3.89 -22.80 -33.48
O2' ATP F . 5.15 -22.13 -33.46
C1' ATP F . 3.79 -23.65 -34.73
N9 ATP F . 2.40 -23.62 -35.25
C8 ATP F . 1.32 -24.15 -34.64
N7 ATP F . 0.19 -23.95 -35.38
C5 ATP F . 0.56 -23.29 -36.49
C6 ATP F . -0.12 -22.77 -37.70
N6 ATP F . -1.45 -22.93 -37.85
N1 ATP F . 0.62 -22.14 -38.63
C2 ATP F . 1.94 -21.98 -38.49
N3 ATP F . 2.63 -22.42 -37.42
C4 ATP F . 2.02 -23.07 -36.41
C1 MPD G . 8.22 -28.30 -39.04
C2 MPD G . 7.05 -27.92 -39.94
O2 MPD G . 7.40 -26.71 -40.68
CM MPD G . 6.79 -29.04 -40.93
C3 MPD G . 5.76 -27.66 -39.18
C4 MPD G . 5.93 -26.76 -37.96
O4 MPD G . 5.26 -25.53 -38.19
C5 MPD G . 5.37 -27.44 -36.72
C1 MPD H . 3.60 -20.39 -48.98
C2 MPD H . 4.60 -20.16 -47.85
O2 MPD H . 3.86 -20.11 -46.61
CM MPD H . 5.30 -18.82 -48.06
C3 MPD H . 5.64 -21.30 -47.82
C4 MPD H . 5.77 -22.03 -46.49
O4 MPD H . 6.28 -21.16 -45.52
C5 MPD H . 6.70 -23.22 -46.60
P PO4 I . -6.39 28.32 16.97
O1 PO4 I . -5.13 28.93 16.41
O2 PO4 I . -6.89 27.20 16.11
O3 PO4 I . -6.09 27.77 18.35
O4 PO4 I . -7.45 29.39 17.05
P PO4 J . -0.73 24.22 21.24
O1 PO4 J . -0.98 25.52 20.53
O2 PO4 J . -0.76 23.06 20.27
O3 PO4 J . 0.63 24.30 21.90
O4 PO4 J . -1.81 23.94 22.27
NA NA K . -4.72 19.61 29.06
PG ATP L . -5.29 28.73 31.73
O1G ATP L . -6.62 28.71 31.03
O2G ATP L . -5.01 30.01 32.49
O3G ATP L . -5.00 27.46 32.50
PB ATP L . -2.64 29.05 30.76
O1B ATP L . -1.90 28.47 29.57
O2B ATP L . -2.50 30.51 31.08
O3B ATP L . -4.20 28.73 30.54
PA ATP L . -1.28 28.70 33.22
O1A ATP L . -0.89 27.51 34.06
O2A ATP L . -1.91 29.91 33.87
O3A ATP L . -2.26 28.16 32.06
O5' ATP L . 0.03 29.16 32.39
C5' ATP L . 0.60 30.46 32.56
C4' ATP L . 2.13 30.37 32.61
O4' ATP L . 2.55 30.13 33.96
C3' ATP L . 2.72 29.27 31.74
O3' ATP L . 3.73 29.83 30.91
C2' ATP L . 3.36 28.30 32.70
O2' ATP L . 4.64 27.87 32.23
C1' ATP L . 3.50 29.06 34.01
N9 ATP L . 3.23 28.18 35.17
C8 ATP L . 2.09 27.50 35.40
N7 ATP L . 2.17 26.79 36.56
C5 ATP L . 3.40 27.02 37.08
C6 ATP L . 4.14 26.60 38.29
N6 ATP L . 3.59 25.75 39.20
N1 ATP L . 5.39 27.07 38.46
C2 ATP L . 5.97 27.91 37.56
N3 ATP L . 5.34 28.34 36.45
C4 ATP L . 4.08 27.94 36.16
#